data_5DPW
#
_entry.id   5DPW
#
_cell.length_a   54.140
_cell.length_b   73.225
_cell.length_c   89.048
_cell.angle_alpha   89.96
_cell.angle_beta   89.99
_cell.angle_gamma   77.31
#
_symmetry.space_group_name_H-M   'P 1'
#
loop_
_entity.id
_entity.type
_entity.pdbx_description
1 polymer 'Microtubule-associated proteins 1A/1B light chain 3C'
2 polymer 'Pleckstrin homology domain-containing family M member 1'
3 water water
#
loop_
_entity_poly.entity_id
_entity_poly.type
_entity_poly.pdbx_seq_one_letter_code
_entity_poly.pdbx_strand_id
1 'polypeptide(L)'
;PSVRPFKQRKSLAIRQEEVAGIRAKFPNKIPVVVERYPRETFLPPLDKTKFLVPQELTMTQFLSIIRSRMVLRATEAFYL
LVNNKSLVSMSATMAEIYRDYKDEDGFVYMTYASQETF
;
A,C,E,G,I,K,M,O
2 'polypeptide(L)' PQQEDEWVNVQYPD B,D,F,H,J,L,N,P
#
# COMPACT_ATOMS: atom_id res chain seq x y z
N ARG A 4 -23.73 1.08 24.81
CA ARG A 4 -23.30 0.99 26.24
C ARG A 4 -22.84 2.36 26.75
N PRO A 5 -23.81 3.24 27.05
CA PRO A 5 -23.52 4.58 27.58
C PRO A 5 -23.25 4.55 29.09
N PHE A 6 -22.36 5.42 29.55
CA PHE A 6 -21.89 5.40 30.92
C PHE A 6 -22.92 5.95 31.90
N LYS A 7 -23.60 7.01 31.50
CA LYS A 7 -24.57 7.69 32.37
C LYS A 7 -25.69 6.74 32.80
N GLN A 8 -25.93 5.71 32.00
CA GLN A 8 -26.99 4.74 32.28
C GLN A 8 -26.43 3.55 33.05
N ARG A 9 -25.21 3.14 32.71
CA ARG A 9 -24.54 2.03 33.38
C ARG A 9 -24.41 2.32 34.88
N LYS A 10 -23.81 3.47 35.19
CA LYS A 10 -23.57 3.86 36.57
C LYS A 10 -24.63 4.87 37.03
N SER A 11 -25.16 4.65 38.23
CA SER A 11 -26.06 5.62 38.84
C SER A 11 -25.27 6.89 39.13
N LEU A 12 -25.99 8.00 39.27
CA LEU A 12 -25.35 9.29 39.48
C LEU A 12 -24.42 9.29 40.70
N ALA A 13 -24.92 8.84 41.85
CA ALA A 13 -24.15 8.81 43.09
C ALA A 13 -22.86 8.02 42.95
N ILE A 14 -22.94 6.87 42.28
CA ILE A 14 -21.78 6.05 42.02
C ILE A 14 -20.76 6.82 41.17
N ARG A 15 -21.23 7.43 40.08
CA ARG A 15 -20.37 8.22 39.21
C ARG A 15 -19.71 9.35 40.00
N GLN A 16 -20.47 9.98 40.87
CA GLN A 16 -19.94 11.03 41.73
C GLN A 16 -18.85 10.48 42.63
N GLU A 17 -19.11 9.35 43.28
CA GLU A 17 -18.13 8.70 44.13
C GLU A 17 -16.85 8.45 43.36
N GLU A 18 -16.98 7.86 42.17
CA GLU A 18 -15.84 7.60 41.31
C GLU A 18 -15.04 8.88 41.00
N VAL A 19 -15.77 9.89 40.51
CA VAL A 19 -15.18 11.18 40.18
C VAL A 19 -14.45 11.74 41.40
N ALA A 20 -15.07 11.58 42.57
CA ALA A 20 -14.52 12.13 43.78
C ALA A 20 -13.22 11.43 44.15
N GLY A 21 -13.27 10.11 44.26
CA GLY A 21 -12.10 9.32 44.60
C GLY A 21 -10.96 9.60 43.65
N ILE A 22 -11.27 9.70 42.36
CA ILE A 22 -10.21 9.87 41.37
C ILE A 22 -9.69 11.31 41.30
N ARG A 23 -10.55 12.30 41.52
CA ARG A 23 -10.08 13.69 41.59
C ARG A 23 -9.27 13.86 42.87
N ALA A 24 -9.60 13.08 43.89
CA ALA A 24 -8.80 13.05 45.10
C ALA A 24 -7.47 12.35 44.83
N LYS A 25 -7.52 11.27 44.04
CA LYS A 25 -6.32 10.54 43.67
C LYS A 25 -5.38 11.38 42.79
N PHE A 26 -5.95 12.03 41.78
CA PHE A 26 -5.16 12.84 40.84
C PHE A 26 -5.76 14.24 40.69
N PRO A 27 -5.47 15.13 41.66
CA PRO A 27 -6.06 16.47 41.70
C PRO A 27 -5.65 17.40 40.55
N ASN A 28 -4.76 16.95 39.67
CA ASN A 28 -4.29 17.79 38.57
C ASN A 28 -4.98 17.49 37.24
N LYS A 29 -5.71 16.37 37.17
CA LYS A 29 -6.22 15.87 35.90
C LYS A 29 -7.75 15.84 35.79
N ILE A 30 -8.24 16.16 34.59
CA ILE A 30 -9.66 16.12 34.27
C ILE A 30 -10.12 14.70 33.97
N PRO A 31 -11.30 14.31 34.51
CA PRO A 31 -11.92 13.02 34.16
C PRO A 31 -12.83 13.10 32.94
N VAL A 32 -12.59 12.23 31.97
CA VAL A 32 -13.30 12.28 30.69
C VAL A 32 -13.92 10.93 30.35
N VAL A 33 -15.13 10.99 29.79
CA VAL A 33 -15.82 9.81 29.29
C VAL A 33 -16.05 9.95 27.78
N VAL A 34 -15.32 9.17 27.01
CA VAL A 34 -15.50 9.12 25.56
C VAL A 34 -16.33 7.90 25.19
N GLU A 35 -17.39 8.12 24.42
CA GLU A 35 -18.30 7.05 24.04
C GLU A 35 -18.53 7.05 22.54
N ARG A 36 -19.12 5.97 22.03
CA ARG A 36 -19.43 5.88 20.62
C ARG A 36 -20.82 6.43 20.34
N TYR A 37 -20.91 7.26 19.31
CA TYR A 37 -22.18 7.75 18.80
C TYR A 37 -23.08 6.56 18.51
N PRO A 38 -24.19 6.40 19.25
CA PRO A 38 -25.00 5.18 19.13
C PRO A 38 -25.52 4.93 17.71
N ARG A 39 -25.60 5.98 16.91
CA ARG A 39 -26.03 5.85 15.52
C ARG A 39 -24.88 5.41 14.63
N GLU A 40 -23.68 5.31 15.21
CA GLU A 40 -22.49 4.92 14.46
C GLU A 40 -22.49 3.42 14.14
N THR A 41 -21.98 3.08 12.96
CA THR A 41 -21.78 1.69 12.58
C THR A 41 -20.48 1.53 11.79
N PHE A 42 -19.96 2.62 11.26
CA PHE A 42 -18.80 2.58 10.39
C PHE A 42 -17.50 2.46 11.16
N LEU A 43 -17.31 3.33 12.15
CA LEU A 43 -16.07 3.35 12.92
C LEU A 43 -15.89 2.09 13.77
N PRO A 44 -14.64 1.75 14.08
CA PRO A 44 -14.35 0.67 15.03
C PRO A 44 -14.58 1.12 16.46
N PRO A 45 -15.05 0.22 17.34
CA PRO A 45 -15.28 0.62 18.73
C PRO A 45 -14.00 1.01 19.45
N LEU A 46 -14.16 1.71 20.57
CA LEU A 46 -13.04 2.16 21.39
C LEU A 46 -12.92 1.26 22.62
N ASP A 47 -11.76 0.64 22.79
CA ASP A 47 -11.57 -0.36 23.84
C ASP A 47 -11.67 0.22 25.26
N LYS A 48 -11.17 1.45 25.43
CA LYS A 48 -11.20 2.12 26.73
C LYS A 48 -12.27 3.20 26.78
N THR A 49 -12.80 3.43 27.98
CA THR A 49 -14.00 4.26 28.14
C THR A 49 -13.71 5.54 28.91
N LYS A 50 -12.88 5.43 29.96
CA LYS A 50 -12.58 6.57 30.83
C LYS A 50 -11.14 7.04 30.66
N PHE A 51 -10.98 8.34 30.45
CA PHE A 51 -9.66 8.95 30.26
C PHE A 51 -9.38 9.99 31.35
N LEU A 52 -8.14 10.01 31.84
CA LEU A 52 -7.71 10.99 32.83
C LEU A 52 -6.64 11.89 32.21
N VAL A 53 -7.00 13.15 31.97
CA VAL A 53 -6.17 14.03 31.15
C VAL A 53 -5.63 15.24 31.91
N PRO A 54 -4.39 15.68 31.59
CA PRO A 54 -3.90 16.95 32.14
C PRO A 54 -4.71 18.14 31.67
N GLN A 55 -4.46 19.30 32.28
CA GLN A 55 -5.17 20.53 31.93
C GLN A 55 -4.50 21.24 30.76
N GLU A 56 -3.19 21.03 30.61
CA GLU A 56 -2.43 21.65 29.54
C GLU A 56 -2.66 20.96 28.20
N LEU A 57 -3.53 19.94 28.20
CA LEU A 57 -3.81 19.19 26.99
C LEU A 57 -4.89 19.90 26.17
N THR A 58 -4.69 19.93 24.86
CA THR A 58 -5.67 20.51 23.94
C THR A 58 -6.59 19.44 23.35
N MET A 59 -7.74 19.86 22.83
CA MET A 59 -8.66 18.96 22.17
C MET A 59 -7.97 18.20 21.04
N THR A 60 -7.15 18.94 20.30
CA THR A 60 -6.40 18.38 19.17
C THR A 60 -5.55 17.19 19.61
N GLN A 61 -4.90 17.32 20.76
CA GLN A 61 -4.04 16.26 21.27
C GLN A 61 -4.86 15.06 21.77
N PHE A 62 -5.94 15.36 22.46
CA PHE A 62 -6.82 14.32 22.98
C PHE A 62 -7.39 13.48 21.85
N LEU A 63 -7.87 14.16 20.80
CA LEU A 63 -8.41 13.48 19.63
C LEU A 63 -7.40 12.47 19.07
N SER A 64 -6.14 12.89 19.00
CA SER A 64 -5.06 12.03 18.53
C SER A 64 -4.90 10.83 19.47
N ILE A 65 -4.88 11.12 20.78
CA ILE A 65 -4.78 10.05 21.77
C ILE A 65 -5.93 9.04 21.64
N ILE A 66 -7.14 9.54 21.39
CA ILE A 66 -8.29 8.65 21.20
C ILE A 66 -8.08 7.85 19.93
N ARG A 67 -7.59 8.51 18.89
CA ARG A 67 -7.29 7.85 17.63
C ARG A 67 -6.27 6.73 17.84
N SER A 68 -5.30 6.98 18.73
CA SER A 68 -4.25 6.00 19.02
C SER A 68 -4.80 4.64 19.47
N ARG A 69 -5.95 4.64 20.14
CA ARG A 69 -6.52 3.40 20.65
C ARG A 69 -7.28 2.61 19.59
N MET A 70 -7.37 3.18 18.38
CA MET A 70 -8.12 2.55 17.29
C MET A 70 -7.26 2.30 16.06
N VAL A 71 -7.54 1.18 15.38
CA VAL A 71 -6.85 0.84 14.15
C VAL A 71 -7.64 1.40 12.96
N LEU A 72 -7.06 2.38 12.28
CA LEU A 72 -7.75 3.09 11.21
C LEU A 72 -6.82 3.36 10.03
N ARG A 73 -7.40 3.57 8.86
CA ARG A 73 -6.64 4.01 7.70
C ARG A 73 -6.14 5.43 7.95
N ALA A 74 -4.82 5.60 7.96
CA ALA A 74 -4.20 6.86 8.30
C ALA A 74 -4.64 7.97 7.36
N THR A 75 -5.87 8.45 7.56
CA THR A 75 -6.40 9.57 6.77
C THR A 75 -7.79 9.93 7.30
N GLU A 76 -8.66 8.95 7.40
CA GLU A 76 -10.03 9.18 7.82
C GLU A 76 -10.12 9.69 9.26
N ALA A 77 -10.65 10.89 9.42
CA ALA A 77 -10.84 11.48 10.74
C ALA A 77 -12.29 11.36 11.18
N PHE A 78 -12.55 11.64 12.45
CA PHE A 78 -13.90 11.63 12.99
C PHE A 78 -14.09 12.84 13.91
N TYR A 79 -15.35 13.10 14.25
CA TYR A 79 -15.70 14.25 15.07
C TYR A 79 -15.87 13.84 16.53
N LEU A 80 -15.35 14.66 17.42
CA LEU A 80 -15.45 14.43 18.86
C LEU A 80 -16.40 15.44 19.49
N LEU A 81 -17.66 15.02 19.66
CA LEU A 81 -18.69 15.87 20.23
C LEU A 81 -18.67 15.85 21.76
N VAL A 82 -18.58 17.03 22.36
CA VAL A 82 -18.69 17.17 23.81
C VAL A 82 -20.17 17.23 24.17
N ASN A 83 -20.60 16.36 25.08
CA ASN A 83 -22.01 16.16 25.40
C ASN A 83 -22.82 15.78 24.17
N ASN A 84 -22.14 15.25 23.16
CA ASN A 84 -22.77 14.83 21.91
C ASN A 84 -23.60 15.92 21.26
N LYS A 85 -23.27 17.18 21.55
CA LYS A 85 -24.03 18.30 21.03
C LYS A 85 -23.18 19.54 20.78
N SER A 86 -21.92 19.50 21.20
CA SER A 86 -21.06 20.68 21.13
C SER A 86 -19.82 20.43 20.29
N LEU A 87 -19.76 21.15 19.17
CA LEU A 87 -18.55 21.24 18.36
C LEU A 87 -17.72 22.40 18.90
N VAL A 88 -16.63 22.08 19.59
CA VAL A 88 -15.87 23.08 20.32
C VAL A 88 -14.54 23.39 19.62
N SER A 89 -13.87 24.44 20.09
CA SER A 89 -12.60 24.86 19.51
C SER A 89 -11.54 23.77 19.62
N MET A 90 -10.91 23.46 18.50
CA MET A 90 -9.84 22.47 18.46
C MET A 90 -8.66 22.91 19.32
N SER A 91 -8.56 24.22 19.56
CA SER A 91 -7.42 24.81 20.26
C SER A 91 -7.63 24.86 21.77
N ALA A 92 -8.86 24.67 22.21
CA ALA A 92 -9.20 24.81 23.62
C ALA A 92 -8.55 23.73 24.48
N THR A 93 -8.19 24.11 25.71
CA THR A 93 -7.58 23.18 26.66
C THR A 93 -8.64 22.39 27.41
N MET A 94 -8.24 21.27 27.98
CA MET A 94 -9.16 20.42 28.74
C MET A 94 -9.82 21.20 29.88
N ALA A 95 -9.09 22.15 30.46
CA ALA A 95 -9.59 22.94 31.58
C ALA A 95 -10.78 23.81 31.19
N GLU A 96 -10.67 24.47 30.03
CA GLU A 96 -11.77 25.27 29.51
C GLU A 96 -13.00 24.41 29.27
N ILE A 97 -12.80 23.34 28.51
CA ILE A 97 -13.88 22.40 28.19
C ILE A 97 -14.47 21.87 29.49
N TYR A 98 -13.62 21.63 30.48
CA TYR A 98 -14.08 21.16 31.77
C TYR A 98 -14.99 22.20 32.41
N ARG A 99 -14.51 23.43 32.57
CA ARG A 99 -15.30 24.45 33.25
C ARG A 99 -16.61 24.74 32.50
N ASP A 100 -16.56 24.69 31.18
CA ASP A 100 -17.74 25.03 30.38
C ASP A 100 -18.75 23.89 30.30
N TYR A 101 -18.28 22.65 30.12
CA TYR A 101 -19.17 21.53 29.85
C TYR A 101 -19.09 20.41 30.90
N LYS A 102 -18.85 20.78 32.15
CA LYS A 102 -18.87 19.81 33.25
C LYS A 102 -20.28 19.25 33.42
N ASP A 103 -20.39 17.93 33.40
CA ASP A 103 -21.66 17.28 33.62
C ASP A 103 -21.99 17.29 35.11
N GLU A 104 -23.25 17.01 35.44
CA GLU A 104 -23.73 17.00 36.82
C GLU A 104 -22.84 16.19 37.77
N ASP A 105 -22.26 15.11 37.27
CA ASP A 105 -21.53 14.16 38.11
C ASP A 105 -20.04 14.48 38.24
N GLY A 106 -19.57 15.46 37.48
CA GLY A 106 -18.18 15.89 37.55
C GLY A 106 -17.33 15.46 36.36
N PHE A 107 -17.86 14.52 35.57
CA PHE A 107 -17.19 14.09 34.35
C PHE A 107 -17.37 15.12 33.24
N VAL A 108 -16.54 15.02 32.22
CA VAL A 108 -16.84 15.64 30.93
C VAL A 108 -17.12 14.51 29.93
N TYR A 109 -18.24 14.61 29.21
CA TYR A 109 -18.69 13.54 28.33
C TYR A 109 -18.45 13.88 26.86
N MET A 110 -17.80 12.96 26.16
CA MET A 110 -17.52 13.10 24.73
C MET A 110 -18.09 11.95 23.93
N THR A 111 -18.28 12.18 22.64
CA THR A 111 -18.82 11.17 21.73
C THR A 111 -18.11 11.25 20.38
N TYR A 112 -17.56 10.13 19.91
CA TYR A 112 -16.89 10.13 18.62
C TYR A 112 -17.80 9.61 17.51
N ALA A 113 -17.89 10.37 16.42
CA ALA A 113 -18.76 10.04 15.29
C ALA A 113 -18.10 10.35 13.95
N SER A 114 -18.16 9.41 13.01
CA SER A 114 -17.68 9.65 11.66
C SER A 114 -18.60 10.62 10.95
N GLN A 115 -19.89 10.58 11.30
CA GLN A 115 -20.85 11.54 10.81
C GLN A 115 -22.10 11.57 11.68
N GLU A 116 -22.68 12.75 11.82
CA GLU A 116 -23.91 12.93 12.56
C GLU A 116 -24.68 14.12 12.03
N THR A 117 -26.01 14.02 12.04
CA THR A 117 -26.88 15.10 11.60
C THR A 117 -27.76 15.54 12.76
N PHE A 118 -27.90 16.84 12.92
CA PHE A 118 -28.68 17.43 14.00
C PHE A 118 -29.93 18.12 13.47
N GLU B 4 -13.75 -2.30 29.91
CA GLU B 4 -13.60 -2.97 31.18
C GLU B 4 -13.79 -2.02 32.36
N ASP B 5 -14.25 -0.80 32.06
CA ASP B 5 -14.49 0.23 33.07
C ASP B 5 -13.24 0.50 33.90
N GLU B 6 -12.25 1.15 33.29
CA GLU B 6 -11.04 1.54 34.00
C GLU B 6 -10.33 2.67 33.25
N TRP B 7 -9.52 3.41 33.98
CA TRP B 7 -8.96 4.67 33.49
C TRP B 7 -7.79 4.51 32.53
N VAL B 8 -7.71 5.45 31.59
CA VAL B 8 -6.51 5.65 30.78
C VAL B 8 -5.82 6.91 31.28
N ASN B 9 -4.68 6.73 31.93
CA ASN B 9 -3.95 7.85 32.50
C ASN B 9 -2.90 8.42 31.55
N VAL B 10 -3.15 9.63 31.06
CA VAL B 10 -2.22 10.29 30.15
C VAL B 10 -1.53 11.42 30.93
N GLN B 11 -0.32 11.79 30.52
CA GLN B 11 0.45 12.81 31.24
C GLN B 11 1.35 13.61 30.31
N TYR B 12 1.51 14.89 30.62
CA TYR B 12 2.46 15.75 29.92
C TYR B 12 2.22 15.78 28.42
N ARG C 4 -33.88 -19.07 -3.41
CA ARG C 4 -32.47 -18.91 -2.95
C ARG C 4 -32.11 -17.53 -2.34
N PRO C 5 -33.07 -16.58 -2.25
CA PRO C 5 -32.58 -15.29 -1.73
C PRO C 5 -32.23 -15.34 -0.24
N PHE C 6 -31.19 -14.62 0.14
CA PHE C 6 -30.65 -14.67 1.50
C PHE C 6 -31.61 -14.07 2.52
N LYS C 7 -32.28 -12.99 2.14
CA LYS C 7 -33.20 -12.28 3.02
C LYS C 7 -34.32 -13.19 3.52
N GLN C 8 -34.72 -14.15 2.69
CA GLN C 8 -35.86 -14.99 2.98
C GLN C 8 -35.47 -16.21 3.81
N ARG C 9 -34.34 -16.83 3.47
CA ARG C 9 -33.93 -18.06 4.16
C ARG C 9 -33.26 -17.77 5.49
N LYS C 10 -33.09 -16.48 5.80
CA LYS C 10 -32.59 -16.06 7.11
C LYS C 10 -33.47 -14.95 7.66
N SER C 11 -34.10 -15.22 8.80
CA SER C 11 -34.90 -14.21 9.48
C SER C 11 -34.03 -13.00 9.78
N LEU C 12 -34.67 -11.83 9.89
CA LEU C 12 -33.94 -10.60 10.13
C LEU C 12 -33.00 -10.75 11.32
N ALA C 13 -33.55 -11.12 12.47
CA ALA C 13 -32.80 -11.30 13.71
C ALA C 13 -31.47 -12.03 13.52
N ILE C 14 -31.52 -13.14 12.80
CA ILE C 14 -30.34 -13.94 12.51
C ILE C 14 -29.34 -13.12 11.67
N ARG C 15 -29.86 -12.38 10.69
CA ARG C 15 -29.01 -11.55 9.84
C ARG C 15 -28.34 -10.46 10.67
N GLN C 16 -29.12 -9.83 11.55
CA GLN C 16 -28.58 -8.82 12.45
C GLN C 16 -27.50 -9.44 13.32
N GLU C 17 -27.78 -10.64 13.83
CA GLU C 17 -26.79 -11.35 14.65
C GLU C 17 -25.52 -11.61 13.85
N GLU C 18 -25.70 -12.03 12.60
CA GLU C 18 -24.58 -12.30 11.71
C GLU C 18 -23.71 -11.05 11.52
N VAL C 19 -24.36 -9.93 11.17
CA VAL C 19 -23.66 -8.66 10.99
C VAL C 19 -22.94 -8.28 12.29
N ALA C 20 -23.67 -8.32 13.40
CA ALA C 20 -23.10 -7.97 14.70
C ALA C 20 -21.83 -8.77 14.92
N GLY C 21 -21.96 -10.10 14.84
CA GLY C 21 -20.82 -10.99 15.01
C GLY C 21 -19.66 -10.64 14.11
N ILE C 22 -19.92 -10.57 12.80
CA ILE C 22 -18.82 -10.41 11.85
C ILE C 22 -18.13 -9.04 11.96
N ARG C 23 -18.91 -7.97 12.14
CA ARG C 23 -18.31 -6.64 12.19
C ARG C 23 -17.82 -6.33 13.60
N ALA C 24 -18.29 -7.11 14.58
CA ALA C 24 -17.65 -7.11 15.87
C ALA C 24 -16.29 -7.77 15.70
N LYS C 25 -16.26 -8.83 14.89
CA LYS C 25 -15.02 -9.52 14.57
C LYS C 25 -14.12 -8.63 13.70
N PHE C 26 -14.68 -8.10 12.61
CA PHE C 26 -13.93 -7.27 11.66
C PHE C 26 -14.57 -5.88 11.54
N PRO C 27 -14.11 -4.92 12.35
CA PRO C 27 -14.77 -3.62 12.49
C PRO C 27 -14.61 -2.67 11.30
N ASN C 28 -13.60 -2.90 10.46
CA ASN C 28 -13.35 -1.99 9.33
C ASN C 28 -13.99 -2.46 8.03
N LYS C 29 -14.25 -3.76 7.93
CA LYS C 29 -14.73 -4.36 6.69
C LYS C 29 -16.26 -4.37 6.56
N ILE C 30 -16.74 -4.03 5.35
CA ILE C 30 -18.16 -4.03 5.04
C ILE C 30 -18.66 -5.43 4.63
N PRO C 31 -19.85 -5.82 5.13
CA PRO C 31 -20.44 -7.11 4.75
C PRO C 31 -21.36 -7.02 3.53
N VAL C 32 -21.17 -7.92 2.57
CA VAL C 32 -21.91 -7.88 1.31
C VAL C 32 -22.61 -9.21 1.04
N VAL C 33 -23.83 -9.13 0.52
CA VAL C 33 -24.56 -10.30 0.04
C VAL C 33 -24.71 -10.22 -1.47
N VAL C 34 -24.00 -11.10 -2.17
CA VAL C 34 -24.08 -11.19 -3.63
C VAL C 34 -24.98 -12.34 -4.05
N GLU C 35 -26.09 -12.00 -4.69
CA GLU C 35 -27.08 -12.99 -5.12
C GLU C 35 -27.24 -12.96 -6.62
N ARG C 36 -27.89 -14.00 -7.17
CA ARG C 36 -28.16 -14.03 -8.60
C ARG C 36 -29.56 -13.52 -8.90
N TYR C 37 -29.65 -12.72 -9.96
CA TYR C 37 -30.91 -12.18 -10.44
C TYR C 37 -31.93 -13.30 -10.66
N PRO C 38 -33.09 -13.26 -9.97
CA PRO C 38 -34.10 -14.31 -10.08
C PRO C 38 -34.36 -14.84 -11.49
N ARG C 39 -34.29 -13.96 -12.48
CA ARG C 39 -34.56 -14.33 -13.87
C ARG C 39 -33.27 -14.50 -14.67
N GLU C 40 -32.26 -15.05 -14.02
CA GLU C 40 -30.95 -15.30 -14.64
C GLU C 40 -30.82 -16.78 -14.96
N THR C 41 -30.32 -17.08 -16.15
CA THR C 41 -30.13 -18.47 -16.57
C THR C 41 -28.82 -18.65 -17.32
N PHE C 42 -28.38 -17.60 -18.01
CA PHE C 42 -27.13 -17.66 -18.76
CA PHE C 42 -27.13 -17.67 -18.75
C PHE C 42 -25.95 -17.73 -17.79
N LEU C 43 -25.90 -16.82 -16.84
CA LEU C 43 -24.79 -16.81 -15.88
C LEU C 43 -24.88 -18.00 -14.92
N PRO C 44 -23.72 -18.52 -14.50
CA PRO C 44 -23.69 -19.58 -13.47
C PRO C 44 -23.88 -19.02 -12.06
N PRO C 45 -24.42 -19.83 -11.15
CA PRO C 45 -24.56 -19.41 -9.74
C PRO C 45 -23.23 -19.11 -9.06
N LEU C 46 -23.30 -18.54 -7.86
CA LEU C 46 -22.12 -18.30 -7.04
C LEU C 46 -22.01 -19.35 -5.94
N ASP C 47 -20.81 -19.87 -5.73
CA ASP C 47 -20.59 -20.89 -4.71
C ASP C 47 -20.64 -20.31 -3.30
N LYS C 48 -20.13 -19.09 -3.14
CA LYS C 48 -20.20 -18.35 -1.88
C LYS C 48 -21.12 -17.15 -2.06
N THR C 49 -21.80 -16.75 -0.97
CA THR C 49 -22.81 -15.70 -1.04
CA THR C 49 -22.81 -15.71 -1.04
C THR C 49 -22.43 -14.48 -0.21
N LYS C 50 -21.78 -14.69 0.93
CA LYS C 50 -21.40 -13.58 1.81
C LYS C 50 -19.95 -13.18 1.62
N PHE C 51 -19.73 -11.89 1.39
CA PHE C 51 -18.38 -11.37 1.17
C PHE C 51 -18.04 -10.32 2.22
N LEU C 52 -16.86 -10.47 2.84
CA LEU C 52 -16.33 -9.46 3.75
C LEU C 52 -15.35 -8.57 2.98
N VAL C 53 -15.64 -7.27 2.93
CA VAL C 53 -15.04 -6.37 1.96
C VAL C 53 -14.35 -5.16 2.62
N PRO C 54 -13.14 -4.80 2.15
CA PRO C 54 -12.48 -3.58 2.66
C PRO C 54 -13.15 -2.30 2.19
N GLN C 55 -12.88 -1.21 2.92
CA GLN C 55 -13.43 0.10 2.60
C GLN C 55 -12.90 0.67 1.29
N GLU C 56 -11.59 0.54 1.09
CA GLU C 56 -10.90 1.18 -0.03
C GLU C 56 -11.19 0.51 -1.37
N LEU C 57 -11.85 -0.64 -1.33
CA LEU C 57 -12.16 -1.39 -2.55
C LEU C 57 -13.17 -0.63 -3.42
N THR C 58 -13.01 -0.72 -4.73
CA THR C 58 -13.93 -0.08 -5.67
C THR C 58 -14.92 -1.11 -6.20
N MET C 59 -16.05 -0.63 -6.73
CA MET C 59 -17.03 -1.51 -7.34
C MET C 59 -16.41 -2.30 -8.48
N THR C 60 -15.62 -1.62 -9.30
CA THR C 60 -14.94 -2.25 -10.42
C THR C 60 -13.99 -3.34 -9.94
N GLN C 61 -13.32 -3.08 -8.83
CA GLN C 61 -12.43 -4.06 -8.22
C GLN C 61 -13.22 -5.25 -7.69
N PHE C 62 -14.42 -4.98 -7.19
CA PHE C 62 -15.27 -6.01 -6.60
C PHE C 62 -15.87 -6.90 -7.69
N LEU C 63 -16.29 -6.28 -8.78
CA LEU C 63 -16.89 -7.01 -9.89
C LEU C 63 -15.95 -8.11 -10.40
N SER C 64 -14.65 -7.80 -10.47
CA SER C 64 -13.65 -8.77 -10.89
C SER C 64 -13.56 -9.93 -9.89
N ILE C 65 -13.61 -9.58 -8.61
CA ILE C 65 -13.57 -10.58 -7.55
C ILE C 65 -14.78 -11.50 -7.64
N ILE C 66 -15.96 -10.92 -7.86
CA ILE C 66 -17.16 -11.72 -8.03
C ILE C 66 -17.05 -12.57 -9.30
N ARG C 67 -16.46 -11.99 -10.35
CA ARG C 67 -16.21 -12.73 -11.57
C ARG C 67 -15.24 -13.88 -11.31
N SER C 68 -14.29 -13.64 -10.42
CA SER C 68 -13.26 -14.64 -10.13
C SER C 68 -13.85 -15.96 -9.63
N ARG C 69 -15.04 -15.90 -9.05
CA ARG C 69 -15.69 -17.11 -8.53
C ARG C 69 -16.44 -17.88 -9.61
N MET C 70 -16.65 -17.24 -10.76
CA MET C 70 -17.38 -17.84 -11.86
C MET C 70 -16.45 -18.19 -13.02
N VAL C 71 -16.69 -19.35 -13.63
CA VAL C 71 -15.89 -19.79 -14.77
C VAL C 71 -16.63 -19.38 -16.04
N LEU C 72 -16.11 -18.37 -16.72
CA LEU C 72 -16.75 -17.83 -17.91
C LEU C 72 -15.73 -17.30 -18.90
N ARG C 73 -16.15 -17.18 -20.16
CA ARG C 73 -15.33 -16.53 -21.17
C ARG C 73 -15.02 -15.12 -20.67
N ALA C 74 -13.76 -14.92 -20.27
CA ALA C 74 -13.34 -13.67 -19.63
C ALA C 74 -13.70 -12.42 -20.46
N THR C 75 -14.10 -12.64 -21.70
CA THR C 75 -14.53 -11.55 -22.59
C THR C 75 -15.84 -10.93 -22.13
N GLU C 76 -16.95 -11.59 -22.49
CA GLU C 76 -18.29 -11.08 -22.24
C GLU C 76 -18.52 -10.65 -20.78
N ALA C 77 -19.36 -9.64 -20.61
CA ALA C 77 -19.52 -8.96 -19.33
C ALA C 77 -20.87 -9.26 -18.66
N PHE C 78 -21.03 -8.73 -17.45
CA PHE C 78 -22.31 -8.76 -16.75
C PHE C 78 -22.34 -7.67 -15.69
N TYR C 79 -23.54 -7.34 -15.21
CA TYR C 79 -23.75 -6.17 -14.38
C TYR C 79 -24.01 -6.49 -12.91
N LEU C 80 -23.42 -5.68 -12.03
CA LEU C 80 -23.70 -5.71 -10.60
C LEU C 80 -24.71 -4.64 -10.21
N LEU C 81 -25.86 -5.06 -9.70
CA LEU C 81 -26.88 -4.13 -9.25
C LEU C 81 -26.97 -4.10 -7.72
N VAL C 82 -26.98 -2.90 -7.15
CA VAL C 82 -27.12 -2.73 -5.71
C VAL C 82 -28.59 -2.73 -5.34
N ASN C 83 -28.97 -3.59 -4.39
CA ASN C 83 -30.36 -3.80 -4.03
C ASN C 83 -31.19 -4.20 -5.24
N ASN C 84 -30.52 -4.77 -6.24
CA ASN C 84 -31.17 -5.21 -7.48
C ASN C 84 -31.85 -4.04 -8.21
N LYS C 85 -31.46 -2.81 -7.89
CA LYS C 85 -32.15 -1.65 -8.43
C LYS C 85 -31.27 -0.41 -8.61
N SER C 86 -30.00 -0.49 -8.23
CA SER C 86 -29.14 0.67 -8.27
C SER C 86 -27.88 0.43 -9.09
N LEU C 87 -27.82 1.08 -10.25
CA LEU C 87 -26.59 1.15 -11.03
C LEU C 87 -25.79 2.32 -10.50
N VAL C 88 -24.69 2.01 -9.81
CA VAL C 88 -23.87 3.01 -9.13
C VAL C 88 -22.58 3.26 -9.90
N SER C 89 -21.83 4.29 -9.48
CA SER C 89 -20.55 4.60 -10.10
C SER C 89 -19.63 3.38 -10.04
N MET C 90 -18.94 3.11 -11.13
CA MET C 90 -18.08 1.92 -11.24
C MET C 90 -16.83 2.02 -10.37
N SER C 91 -16.40 3.24 -10.08
CA SER C 91 -15.21 3.45 -9.25
C SER C 91 -15.59 3.89 -7.84
N ALA C 92 -16.87 3.76 -7.50
CA ALA C 92 -17.32 4.09 -6.15
C ALA C 92 -16.71 3.13 -5.16
N THR C 93 -16.29 3.66 -4.01
CA THR C 93 -15.70 2.83 -2.97
C THR C 93 -16.78 2.11 -2.20
N MET C 94 -16.43 0.94 -1.65
CA MET C 94 -17.38 0.13 -0.92
C MET C 94 -17.89 0.84 0.33
N ALA C 95 -17.06 1.73 0.88
CA ALA C 95 -17.46 2.53 2.02
C ALA C 95 -18.57 3.50 1.63
N GLU C 96 -18.46 4.08 0.44
CA GLU C 96 -19.49 4.97 -0.08
C GLU C 96 -20.81 4.20 -0.24
N ILE C 97 -20.71 3.05 -0.89
CA ILE C 97 -21.88 2.21 -1.13
C ILE C 97 -22.48 1.76 0.19
N TYR C 98 -21.63 1.46 1.17
CA TYR C 98 -22.12 1.14 2.50
C TYR C 98 -22.80 2.35 3.11
N ARG C 99 -22.18 3.53 2.95
CA ARG C 99 -22.70 4.76 3.53
C ARG C 99 -24.06 5.11 2.92
N ASP C 100 -24.21 4.87 1.63
CA ASP C 100 -25.43 5.27 0.93
C ASP C 100 -26.50 4.18 0.90
N TYR C 101 -26.08 2.92 0.83
CA TYR C 101 -27.01 1.83 0.53
C TYR C 101 -27.04 0.69 1.55
N LYS C 102 -26.70 0.98 2.81
CA LYS C 102 -26.82 -0.03 3.86
C LYS C 102 -28.28 -0.44 4.05
N ASP C 103 -28.50 -1.72 4.32
CA ASP C 103 -29.85 -2.24 4.49
C ASP C 103 -30.27 -2.20 5.96
N GLU C 104 -31.40 -2.83 6.26
CA GLU C 104 -31.93 -2.90 7.62
C GLU C 104 -31.03 -3.68 8.55
N ASP C 105 -30.44 -4.77 8.05
CA ASP C 105 -29.73 -5.73 8.89
C ASP C 105 -28.24 -5.43 9.04
N GLY C 106 -27.69 -4.64 8.12
CA GLY C 106 -26.28 -4.28 8.16
C GLY C 106 -25.53 -4.71 6.92
N PHE C 107 -26.13 -5.60 6.14
CA PHE C 107 -25.57 -6.02 4.86
C PHE C 107 -25.82 -4.98 3.80
N VAL C 108 -24.92 -4.90 2.81
CA VAL C 108 -25.25 -4.28 1.55
C VAL C 108 -25.60 -5.42 0.61
N TYR C 109 -26.72 -5.28 -0.11
CA TYR C 109 -27.21 -6.34 -0.98
C TYR C 109 -26.91 -6.04 -2.45
N MET C 110 -26.29 -7.00 -3.12
CA MET C 110 -25.98 -6.90 -4.54
C MET C 110 -26.53 -8.09 -5.31
N THR C 111 -26.87 -7.86 -6.57
CA THR C 111 -27.41 -8.89 -7.43
C THR C 111 -26.77 -8.79 -8.81
N TYR C 112 -26.17 -9.88 -9.28
CA TYR C 112 -25.52 -9.89 -10.58
C TYR C 112 -26.45 -10.40 -11.67
N ALA C 113 -26.47 -9.68 -12.79
CA ALA C 113 -27.36 -10.02 -13.90
C ALA C 113 -26.70 -9.73 -15.24
N SER C 114 -27.01 -10.56 -16.23
CA SER C 114 -26.54 -10.34 -17.60
C SER C 114 -27.51 -9.44 -18.35
N GLN C 115 -28.78 -9.52 -17.98
CA GLN C 115 -29.82 -8.68 -18.56
C GLN C 115 -31.01 -8.57 -17.62
N GLU C 116 -31.55 -7.35 -17.50
CA GLU C 116 -32.77 -7.14 -16.74
C GLU C 116 -33.50 -5.91 -17.28
N THR C 117 -34.84 -6.00 -17.30
CA THR C 117 -35.68 -4.90 -17.74
C THR C 117 -36.57 -4.46 -16.60
N PHE C 118 -36.76 -3.14 -16.49
CA PHE C 118 -37.51 -2.55 -15.39
C PHE C 118 -37.64 -1.04 -15.58
N GLU D 4 -21.93 -24.52 4.34
CA GLU D 4 -21.40 -23.88 3.14
C GLU D 4 -21.85 -22.42 3.06
N ASP D 5 -22.31 -21.88 4.19
CA ASP D 5 -22.77 -20.49 4.26
C ASP D 5 -21.85 -19.69 5.17
N GLU D 6 -20.65 -19.38 4.67
CA GLU D 6 -19.68 -18.58 5.41
C GLU D 6 -19.06 -17.55 4.47
N TRP D 7 -18.08 -16.81 4.97
CA TRP D 7 -17.63 -15.58 4.32
C TRP D 7 -16.43 -15.72 3.40
N VAL D 8 -16.45 -14.94 2.33
CA VAL D 8 -15.27 -14.73 1.49
C VAL D 8 -14.61 -13.43 1.93
N ASN D 9 -13.34 -13.50 2.30
CA ASN D 9 -12.63 -12.36 2.85
C ASN D 9 -11.40 -11.98 2.03
N VAL D 10 -11.30 -10.69 1.69
CA VAL D 10 -10.17 -10.17 0.92
C VAL D 10 -9.74 -8.80 1.44
N GLN D 11 -8.51 -8.39 1.13
CA GLN D 11 -7.94 -7.15 1.65
C GLN D 11 -7.13 -6.42 0.59
N TYR D 12 -6.73 -5.19 0.90
CA TYR D 12 -5.87 -4.40 0.03
C TYR D 12 -6.55 -4.13 -1.31
N ARG E 4 -26.50 39.13 3.70
CA ARG E 4 -25.19 38.46 3.48
C ARG E 4 -25.34 36.98 3.11
N PRO E 5 -26.27 36.26 3.78
CA PRO E 5 -26.47 34.84 3.42
C PRO E 5 -26.86 34.68 1.96
N PHE E 6 -26.26 33.69 1.29
CA PHE E 6 -26.39 33.53 -0.15
C PHE E 6 -27.83 33.40 -0.62
N LYS E 7 -28.61 32.58 0.08
CA LYS E 7 -30.00 32.35 -0.30
C LYS E 7 -30.86 33.61 -0.11
N GLN E 8 -30.32 34.60 0.58
CA GLN E 8 -31.08 35.81 0.92
C GLN E 8 -30.77 36.99 -0.01
N ARG E 9 -29.70 36.88 -0.79
CA ARG E 9 -29.35 37.93 -1.75
C ARG E 9 -30.08 37.69 -3.07
N LYS E 10 -30.20 36.42 -3.43
CA LYS E 10 -30.81 36.02 -4.70
C LYS E 10 -32.08 35.21 -4.48
N SER E 11 -32.92 35.15 -5.50
CA SER E 11 -34.13 34.33 -5.46
C SER E 11 -33.78 32.91 -5.86
N LEU E 12 -34.70 31.98 -5.57
CA LEU E 12 -34.54 30.59 -5.98
C LEU E 12 -34.35 30.50 -7.49
N ALA E 13 -35.07 31.35 -8.21
CA ALA E 13 -35.02 31.37 -9.66
C ALA E 13 -33.61 31.62 -10.18
N ILE E 14 -33.00 32.71 -9.72
CA ILE E 14 -31.67 33.11 -10.19
C ILE E 14 -30.63 32.07 -9.82
N ARG E 15 -30.73 31.51 -8.61
CA ARG E 15 -29.77 30.51 -8.16
C ARG E 15 -29.92 29.24 -9.00
N GLN E 16 -31.16 28.80 -9.20
CA GLN E 16 -31.46 27.68 -10.09
C GLN E 16 -30.85 27.93 -11.47
N GLU E 17 -31.06 29.14 -11.99
CA GLU E 17 -30.52 29.54 -13.27
C GLU E 17 -28.99 29.46 -13.28
N GLU E 18 -28.38 29.95 -12.21
CA GLU E 18 -26.93 29.97 -12.09
C GLU E 18 -26.36 28.55 -12.11
N VAL E 19 -26.94 27.67 -11.29
CA VAL E 19 -26.54 26.27 -11.28
C VAL E 19 -26.76 25.66 -12.67
N ALA E 20 -27.93 25.93 -13.24
CA ALA E 20 -28.28 25.41 -14.55
C ALA E 20 -27.22 25.79 -15.60
N GLY E 21 -26.75 27.04 -15.53
CA GLY E 21 -25.72 27.50 -16.44
C GLY E 21 -24.36 26.86 -16.17
N ILE E 22 -23.91 26.94 -14.93
CA ILE E 22 -22.57 26.47 -14.61
C ILE E 22 -22.43 24.97 -14.84
N ARG E 23 -23.45 24.19 -14.54
CA ARG E 23 -23.40 22.75 -14.74
C ARG E 23 -23.50 22.42 -16.22
N ALA E 24 -23.95 23.38 -17.01
CA ALA E 24 -23.97 23.23 -18.46
C ALA E 24 -22.57 23.50 -19.00
N LYS E 25 -21.94 24.56 -18.53
CA LYS E 25 -20.57 24.87 -18.95
C LYS E 25 -19.57 23.83 -18.42
N PHE E 26 -19.81 23.36 -17.18
CA PHE E 26 -18.93 22.35 -16.56
C PHE E 26 -19.74 21.24 -15.90
N PRO E 27 -20.04 20.17 -16.64
CA PRO E 27 -20.79 19.06 -16.02
C PRO E 27 -19.96 18.28 -15.00
N ASN E 28 -18.64 18.23 -15.21
CA ASN E 28 -17.77 17.44 -14.34
C ASN E 28 -17.49 18.10 -12.98
N LYS E 29 -18.12 19.25 -12.74
CA LYS E 29 -17.87 20.02 -11.52
C LYS E 29 -19.12 20.15 -10.66
N ILE E 30 -18.93 20.24 -9.35
CA ILE E 30 -20.02 20.33 -8.40
C ILE E 30 -20.09 21.74 -7.83
N PRO E 31 -21.28 22.38 -7.88
CA PRO E 31 -21.44 23.74 -7.38
C PRO E 31 -21.66 23.79 -5.87
N VAL E 32 -20.81 24.56 -5.18
CA VAL E 32 -20.85 24.63 -3.72
C VAL E 32 -20.90 26.09 -3.27
N VAL E 33 -21.67 26.34 -2.21
CA VAL E 33 -21.70 27.64 -1.55
C VAL E 33 -21.06 27.53 -0.18
N VAL E 34 -20.01 28.31 0.05
CA VAL E 34 -19.29 28.31 1.32
C VAL E 34 -19.31 29.70 1.94
N GLU E 35 -19.96 29.81 3.10
CA GLU E 35 -20.09 31.07 3.81
C GLU E 35 -19.68 30.93 5.26
N ARG E 36 -19.44 32.04 5.94
CA ARG E 36 -19.04 32.00 7.34
C ARG E 36 -20.24 31.85 8.27
N TYR E 37 -20.04 31.04 9.30
CA TYR E 37 -21.02 30.88 10.37
C TYR E 37 -21.44 32.25 10.91
N PRO E 38 -22.75 32.58 10.84
CA PRO E 38 -23.22 33.93 11.22
C PRO E 38 -22.71 34.42 12.57
N ARG E 39 -22.52 33.50 13.52
CA ARG E 39 -22.07 33.87 14.86
C ARG E 39 -20.57 33.68 15.02
N GLU E 40 -19.82 33.98 13.97
CA GLU E 40 -18.37 33.82 13.95
C GLU E 40 -17.66 35.17 13.90
N THR E 41 -16.47 35.23 14.49
CA THR E 41 -15.66 36.44 14.49
C THR E 41 -14.15 36.13 14.44
N PHE E 42 -13.75 35.01 15.03
CA PHE E 42 -12.35 34.61 15.06
C PHE E 42 -11.76 34.42 13.66
N LEU E 43 -12.52 33.79 12.78
CA LEU E 43 -12.03 33.44 11.45
C LEU E 43 -12.34 34.56 10.46
N PRO E 44 -11.48 34.70 9.43
CA PRO E 44 -11.68 35.74 8.41
C PRO E 44 -12.71 35.36 7.36
N PRO E 45 -13.49 36.32 6.85
CA PRO E 45 -14.36 36.04 5.71
C PRO E 45 -13.56 35.65 4.46
N LEU E 46 -14.25 35.05 3.48
CA LEU E 46 -13.62 34.72 2.21
C LEU E 46 -13.85 35.83 1.19
N ASP E 47 -12.99 35.89 0.19
CA ASP E 47 -13.20 36.83 -0.91
C ASP E 47 -14.28 36.30 -1.84
N LYS E 48 -14.22 34.99 -2.11
CA LYS E 48 -15.22 34.31 -2.92
C LYS E 48 -15.91 33.23 -2.10
N THR E 49 -17.16 32.93 -2.45
CA THR E 49 -17.97 31.99 -1.68
C THR E 49 -18.54 30.86 -2.57
N LYS E 50 -18.63 31.11 -3.87
CA LYS E 50 -19.12 30.10 -4.81
C LYS E 50 -17.97 29.28 -5.38
N PHE E 51 -17.92 28.02 -4.99
CA PHE E 51 -16.84 27.12 -5.40
C PHE E 51 -17.35 26.08 -6.38
N LEU E 52 -16.45 25.66 -7.26
CA LEU E 52 -16.75 24.73 -8.33
C LEU E 52 -15.78 23.56 -8.22
N VAL E 53 -16.24 22.47 -7.60
CA VAL E 53 -15.33 21.45 -7.10
C VAL E 53 -15.37 20.15 -7.92
N PRO E 54 -14.20 19.52 -8.14
CA PRO E 54 -14.16 18.21 -8.80
C PRO E 54 -15.02 17.16 -8.11
N GLN E 55 -15.60 16.25 -8.89
CA GLN E 55 -16.45 15.20 -8.34
C GLN E 55 -15.69 14.27 -7.41
N GLU E 56 -14.44 13.99 -7.76
CA GLU E 56 -13.64 12.98 -7.06
C GLU E 56 -13.03 13.48 -5.76
N LEU E 57 -13.03 14.80 -5.56
CA LEU E 57 -12.36 15.40 -4.41
C LEU E 57 -13.08 15.10 -3.11
N THR E 58 -12.30 14.88 -2.05
CA THR E 58 -12.85 14.55 -0.74
C THR E 58 -13.08 15.81 0.08
N MET E 59 -13.85 15.67 1.15
CA MET E 59 -14.14 16.79 2.04
C MET E 59 -12.85 17.34 2.64
N THR E 60 -11.93 16.45 2.94
CA THR E 60 -10.63 16.82 3.50
C THR E 60 -9.90 17.77 2.56
N GLN E 61 -9.68 17.31 1.33
CA GLN E 61 -8.98 18.09 0.32
C GLN E 61 -9.66 19.45 0.11
N PHE E 62 -10.99 19.42 0.07
CA PHE E 62 -11.76 20.64 -0.13
C PHE E 62 -11.57 21.59 1.06
N LEU E 63 -11.58 21.04 2.27
CA LEU E 63 -11.38 21.83 3.46
C LEU E 63 -9.99 22.47 3.41
N SER E 64 -8.99 21.68 3.02
CA SER E 64 -7.64 22.22 2.82
C SER E 64 -7.67 23.38 1.84
N ILE E 65 -8.32 23.16 0.70
CA ILE E 65 -8.46 24.19 -0.32
C ILE E 65 -9.13 25.45 0.25
N ILE E 66 -10.13 25.27 1.10
CA ILE E 66 -10.80 26.40 1.74
C ILE E 66 -9.83 27.13 2.67
N ARG E 67 -9.11 26.36 3.49
CA ARG E 67 -8.18 26.94 4.44
C ARG E 67 -7.03 27.65 3.73
N SER E 68 -6.66 27.16 2.55
CA SER E 68 -5.60 27.77 1.76
C SER E 68 -5.98 29.15 1.24
N ARG E 69 -7.27 29.47 1.24
CA ARG E 69 -7.73 30.80 0.85
C ARG E 69 -7.72 31.75 2.04
N MET E 70 -7.36 31.23 3.21
CA MET E 70 -7.36 32.00 4.45
C MET E 70 -5.95 32.18 5.01
N VAL E 71 -5.76 33.29 5.72
CA VAL E 71 -4.50 33.58 6.38
C VAL E 71 -4.63 33.25 7.87
N LEU E 72 -4.17 32.05 8.23
CA LEU E 72 -4.37 31.53 9.59
C LEU E 72 -3.06 31.08 10.25
N ARG E 73 -3.18 30.60 11.49
CA ARG E 73 -2.03 30.32 12.33
C ARG E 73 -1.83 28.83 12.61
N ALA E 74 -1.89 28.02 11.55
CA ALA E 74 -1.65 26.58 11.65
C ALA E 74 -2.61 25.89 12.62
N THR E 75 -2.49 26.23 13.90
CA THR E 75 -3.29 25.61 14.95
C THR E 75 -4.75 26.08 14.92
N GLU E 76 -5.01 27.14 14.15
CA GLU E 76 -6.32 27.77 14.14
C GLU E 76 -7.25 27.12 13.09
N ALA E 77 -7.43 25.80 13.22
CA ALA E 77 -8.29 25.06 12.29
C ALA E 77 -9.77 25.17 12.70
N PHE E 78 -10.65 24.74 11.80
CA PHE E 78 -12.09 24.91 11.99
C PHE E 78 -12.90 23.76 11.38
N TYR E 79 -14.22 23.85 11.50
CA TYR E 79 -15.12 22.80 11.04
C TYR E 79 -15.82 23.14 9.74
N LEU E 80 -16.33 22.10 9.06
CA LEU E 80 -17.16 22.28 7.87
C LEU E 80 -18.52 21.64 8.08
N LEU E 81 -19.57 22.43 7.86
CA LEU E 81 -20.94 22.00 8.11
C LEU E 81 -21.78 22.15 6.86
N VAL E 82 -22.28 21.01 6.36
CA VAL E 82 -23.17 21.00 5.21
C VAL E 82 -24.59 21.28 5.68
N ASN E 83 -25.27 22.21 5.02
CA ASN E 83 -26.58 22.67 5.45
C ASN E 83 -26.58 23.15 6.89
N ASN E 84 -25.40 23.58 7.35
CA ASN E 84 -25.23 24.18 8.68
C ASN E 84 -25.50 23.23 9.85
N LYS E 85 -26.01 22.03 9.55
CA LYS E 85 -26.44 21.11 10.60
C LYS E 85 -25.87 19.70 10.43
N SER E 86 -25.30 19.43 9.26
CA SER E 86 -24.83 18.09 8.94
C SER E 86 -23.31 17.97 9.04
N LEU E 87 -22.86 17.03 9.86
CA LEU E 87 -21.45 16.64 9.89
C LEU E 87 -21.30 15.37 9.06
N VAL E 88 -20.35 15.40 8.14
CA VAL E 88 -20.25 14.37 7.11
C VAL E 88 -18.90 13.65 7.14
N SER E 89 -18.86 12.47 6.55
CA SER E 89 -17.63 11.70 6.45
C SER E 89 -16.59 12.51 5.66
N MET E 90 -15.43 12.72 6.27
CA MET E 90 -14.38 13.51 5.63
C MET E 90 -13.80 12.80 4.41
N SER E 91 -14.06 11.49 4.32
CA SER E 91 -13.53 10.67 3.23
C SER E 91 -14.47 10.68 2.02
N ALA E 92 -15.69 11.15 2.23
CA ALA E 92 -16.69 11.18 1.17
C ALA E 92 -16.31 12.18 0.08
N THR E 93 -16.48 11.76 -1.17
CA THR E 93 -16.23 12.64 -2.30
C THR E 93 -17.32 13.69 -2.41
N MET E 94 -17.03 14.77 -3.14
CA MET E 94 -18.00 15.84 -3.31
C MET E 94 -19.26 15.30 -3.98
N ALA E 95 -19.11 14.26 -4.81
CA ALA E 95 -20.23 13.68 -5.52
C ALA E 95 -21.23 13.06 -4.54
N GLU E 96 -20.71 12.31 -3.56
CA GLU E 96 -21.55 11.71 -2.53
C GLU E 96 -22.28 12.79 -1.75
N ILE E 97 -21.52 13.81 -1.33
CA ILE E 97 -22.06 14.97 -0.66
C ILE E 97 -23.17 15.59 -1.50
N TYR E 98 -22.93 15.71 -2.81
CA TYR E 98 -23.91 16.29 -3.72
C TYR E 98 -25.16 15.42 -3.75
N ARG E 99 -24.96 14.11 -3.83
CA ARG E 99 -26.07 13.17 -3.82
C ARG E 99 -26.88 13.28 -2.53
N ASP E 100 -26.18 13.37 -1.40
CA ASP E 100 -26.83 13.26 -0.10
C ASP E 100 -27.30 14.57 0.52
N TYR E 101 -26.71 15.70 0.11
CA TYR E 101 -27.01 16.99 0.75
C TYR E 101 -27.24 18.14 -0.23
N LYS E 102 -27.57 17.83 -1.48
CA LYS E 102 -27.87 18.85 -2.47
C LYS E 102 -29.11 19.66 -2.06
N ASP E 103 -29.10 20.95 -2.40
CA ASP E 103 -30.22 21.85 -2.10
C ASP E 103 -31.19 21.89 -3.27
N GLU E 104 -32.41 22.37 -3.05
CA GLU E 104 -33.43 22.38 -4.09
C GLU E 104 -33.03 23.25 -5.28
N ASP E 105 -32.14 24.22 -5.04
CA ASP E 105 -31.66 25.07 -6.12
C ASP E 105 -30.49 24.44 -6.85
N GLY E 106 -29.95 23.37 -6.29
CA GLY E 106 -28.87 22.61 -6.92
C GLY E 106 -27.50 22.92 -6.35
N PHE E 107 -27.44 23.83 -5.39
CA PHE E 107 -26.19 24.17 -4.73
C PHE E 107 -25.96 23.26 -3.53
N VAL E 108 -24.68 23.03 -3.21
CA VAL E 108 -24.31 22.46 -1.92
C VAL E 108 -23.94 23.62 -1.00
N TYR E 109 -24.67 23.73 0.11
CA TYR E 109 -24.46 24.82 1.05
C TYR E 109 -23.61 24.37 2.23
N MET E 110 -22.41 24.92 2.31
CA MET E 110 -21.51 24.66 3.42
C MET E 110 -21.30 25.91 4.25
N THR E 111 -21.03 25.72 5.54
CA THR E 111 -20.62 26.80 6.43
C THR E 111 -19.41 26.36 7.23
N TYR E 112 -18.62 27.33 7.68
CA TYR E 112 -17.44 27.03 8.48
C TYR E 112 -17.46 27.79 9.81
N ALA E 113 -17.06 27.10 10.87
CA ALA E 113 -17.12 27.64 12.22
C ALA E 113 -15.97 27.10 13.07
N SER E 114 -15.49 27.96 13.97
CA SER E 114 -14.48 27.54 14.94
C SER E 114 -15.13 26.65 15.98
N GLN E 115 -16.42 26.86 16.19
CA GLN E 115 -17.20 26.08 17.14
C GLN E 115 -18.69 26.31 16.93
N GLU E 116 -19.49 25.27 17.12
CA GLU E 116 -20.94 25.41 17.14
C GLU E 116 -21.54 24.40 18.09
N THR E 117 -22.59 24.83 18.79
CA THR E 117 -23.34 23.96 19.67
C THR E 117 -24.76 23.81 19.11
N PHE E 118 -25.16 22.57 18.89
CA PHE E 118 -26.42 22.26 18.21
C PHE E 118 -27.56 22.14 19.21
N GLU F 4 -18.72 36.12 -4.08
CA GLU F 4 -20.04 36.76 -4.06
C GLU F 4 -20.85 36.32 -5.27
N ASP F 5 -20.39 36.70 -6.46
CA ASP F 5 -21.01 36.29 -7.71
C ASP F 5 -19.96 35.71 -8.66
N GLU F 6 -18.71 35.67 -8.20
CA GLU F 6 -17.60 35.11 -8.97
C GLU F 6 -17.31 33.68 -8.50
N TRP F 7 -17.08 32.79 -9.45
CA TRP F 7 -16.85 31.38 -9.15
C TRP F 7 -15.38 31.09 -8.85
N VAL F 8 -15.15 30.07 -8.02
CA VAL F 8 -13.81 29.57 -7.74
C VAL F 8 -13.65 28.19 -8.34
N ASN F 9 -13.00 28.11 -9.49
CA ASN F 9 -12.80 26.84 -10.18
C ASN F 9 -11.63 26.06 -9.60
N VAL F 10 -11.95 25.00 -8.86
CA VAL F 10 -10.94 24.12 -8.29
C VAL F 10 -10.49 23.12 -9.36
N GLN F 11 -9.17 22.98 -9.51
CA GLN F 11 -8.61 22.18 -10.61
C GLN F 11 -8.05 20.84 -10.14
N TYR F 12 -7.45 20.12 -11.09
CA TYR F 12 -7.06 18.71 -10.93
C TYR F 12 -8.18 17.93 -10.24
N ARG G 4 -36.03 19.00 -25.60
CA ARG G 4 -34.59 18.59 -25.43
C ARG G 4 -34.40 17.11 -25.78
N PRO G 5 -35.33 16.24 -25.36
CA PRO G 5 -35.23 14.83 -25.76
C PRO G 5 -35.60 14.65 -27.23
N PHE G 6 -34.96 13.71 -27.91
CA PHE G 6 -35.11 13.54 -29.35
C PHE G 6 -36.56 13.38 -29.80
N LYS G 7 -37.30 12.52 -29.10
CA LYS G 7 -38.68 12.23 -29.47
C LYS G 7 -39.62 13.42 -29.23
N GLN G 8 -39.14 14.44 -28.52
CA GLN G 8 -39.95 15.61 -28.19
C GLN G 8 -39.63 16.79 -29.09
N ARG G 9 -38.50 16.73 -29.79
CA ARG G 9 -38.13 17.76 -30.75
C ARG G 9 -38.92 17.58 -32.04
N LYS G 10 -39.04 16.33 -32.49
CA LYS G 10 -39.73 16.00 -33.73
C LYS G 10 -40.90 15.05 -33.48
N SER G 11 -41.73 14.87 -34.51
CA SER G 11 -42.88 13.99 -34.44
C SER G 11 -42.56 12.60 -34.97
N LEU G 12 -43.44 11.66 -34.71
CA LEU G 12 -43.28 10.28 -35.18
C LEU G 12 -43.12 10.25 -36.70
N ALA G 13 -43.91 11.09 -37.37
CA ALA G 13 -43.88 11.17 -38.83
C ALA G 13 -42.47 11.47 -39.34
N ILE G 14 -41.90 12.59 -38.89
CA ILE G 14 -40.59 13.02 -39.37
C ILE G 14 -39.50 12.04 -38.95
N ARG G 15 -39.64 11.43 -37.78
CA ARG G 15 -38.68 10.42 -37.33
C ARG G 15 -38.73 9.21 -38.27
N GLN G 16 -39.95 8.83 -38.65
CA GLN G 16 -40.13 7.79 -39.66
C GLN G 16 -39.55 8.22 -41.00
N GLU G 17 -39.74 9.49 -41.36
CA GLU G 17 -39.16 10.03 -42.58
C GLU G 17 -37.65 9.88 -42.54
N GLU G 18 -37.05 10.22 -41.40
CA GLU G 18 -35.60 10.11 -41.25
C GLU G 18 -35.13 8.66 -41.37
N VAL G 19 -35.73 7.77 -40.58
CA VAL G 19 -35.35 6.35 -40.62
C VAL G 19 -35.50 5.79 -42.03
N ALA G 20 -36.69 5.94 -42.60
CA ALA G 20 -36.95 5.46 -43.94
C ALA G 20 -36.00 6.12 -44.94
N GLY G 21 -35.68 7.38 -44.68
CA GLY G 21 -34.77 8.13 -45.53
C GLY G 21 -33.35 7.60 -45.49
N ILE G 22 -32.85 7.28 -44.30
CA ILE G 22 -31.47 6.84 -44.15
C ILE G 22 -31.28 5.38 -44.52
N ARG G 23 -32.23 4.52 -44.13
CA ARG G 23 -32.11 3.10 -44.42
C ARG G 23 -32.20 2.84 -45.92
N ALA G 24 -32.64 3.84 -46.67
CA ALA G 24 -32.69 3.75 -48.12
C ALA G 24 -31.40 4.28 -48.75
N LYS G 25 -30.40 4.55 -47.91
CA LYS G 25 -29.08 4.96 -48.37
C LYS G 25 -28.03 3.97 -47.87
N PHE G 26 -28.29 3.42 -46.69
CA PHE G 26 -27.45 2.36 -46.12
C PHE G 26 -28.34 1.31 -45.45
N PRO G 27 -28.80 0.32 -46.22
CA PRO G 27 -29.68 -0.71 -45.66
C PRO G 27 -29.00 -1.60 -44.63
N ASN G 28 -27.66 -1.62 -44.65
CA ASN G 28 -26.90 -2.55 -43.83
C ASN G 28 -26.68 -2.08 -42.39
N LYS G 29 -27.28 -0.96 -42.01
CA LYS G 29 -26.95 -0.31 -40.74
C LYS G 29 -28.15 0.00 -39.84
N ILE G 30 -27.98 -0.28 -38.55
CA ILE G 30 -28.97 0.00 -37.53
C ILE G 30 -29.02 1.50 -37.21
N PRO G 31 -30.23 2.09 -37.21
CA PRO G 31 -30.39 3.47 -36.75
C PRO G 31 -30.50 3.56 -35.22
N VAL G 32 -29.67 4.39 -34.60
CA VAL G 32 -29.63 4.48 -33.14
C VAL G 32 -29.67 5.94 -32.69
N VAL G 33 -30.46 6.21 -31.65
CA VAL G 33 -30.47 7.51 -30.98
C VAL G 33 -29.85 7.38 -29.60
N VAL G 34 -28.68 7.99 -29.43
CA VAL G 34 -27.98 7.97 -28.16
C VAL G 34 -28.05 9.33 -27.49
N GLU G 35 -28.67 9.38 -26.31
CA GLU G 35 -28.85 10.63 -25.58
C GLU G 35 -28.38 10.50 -24.14
N ARG G 36 -28.23 11.65 -23.47
CA ARG G 36 -27.74 11.69 -22.10
C ARG G 36 -28.90 11.68 -21.12
N TYR G 37 -28.80 10.78 -20.13
CA TYR G 37 -29.78 10.66 -19.05
C TYR G 37 -30.24 12.04 -18.57
N PRO G 38 -31.56 12.30 -18.60
CA PRO G 38 -32.03 13.65 -18.27
C PRO G 38 -31.63 14.14 -16.87
N ARG G 39 -31.66 13.25 -15.88
CA ARG G 39 -31.26 13.61 -14.52
C ARG G 39 -29.78 13.33 -14.29
N GLU G 40 -28.96 13.68 -15.29
CA GLU G 40 -27.51 13.49 -15.20
C GLU G 40 -26.79 14.82 -15.09
N THR G 41 -25.67 14.80 -14.36
CA THR G 41 -24.75 15.92 -14.34
C THR G 41 -23.40 15.46 -13.81
N PHE G 42 -22.49 15.26 -14.76
CA PHE G 42 -21.18 14.66 -14.52
C PHE G 42 -20.57 14.42 -15.89
N LEU G 43 -21.24 13.58 -16.67
CA LEU G 43 -20.79 13.26 -18.01
C LEU G 43 -21.20 14.36 -18.99
N PRO G 44 -20.34 14.63 -19.98
CA PRO G 44 -20.65 15.69 -20.94
C PRO G 44 -21.64 15.23 -21.99
N PRO G 45 -22.48 16.14 -22.50
CA PRO G 45 -23.32 15.76 -23.65
C PRO G 45 -22.47 15.46 -24.89
N LEU G 46 -23.04 14.73 -25.84
CA LEU G 46 -22.35 14.41 -27.08
C LEU G 46 -22.54 15.53 -28.10
N ASP G 47 -21.62 15.63 -29.04
CA ASP G 47 -21.76 16.57 -30.15
C ASP G 47 -22.91 16.16 -31.05
N LYS G 48 -23.14 14.85 -31.13
CA LYS G 48 -24.21 14.30 -31.97
C LYS G 48 -24.97 13.20 -31.24
N THR G 49 -26.18 12.91 -31.70
CA THR G 49 -27.09 12.01 -31.01
C THR G 49 -27.57 10.85 -31.88
N LYS G 50 -27.51 11.04 -33.20
CA LYS G 50 -27.94 10.00 -34.15
C LYS G 50 -26.76 9.22 -34.74
N PHE G 51 -26.72 7.93 -34.40
CA PHE G 51 -25.64 7.05 -34.83
C PHE G 51 -26.18 5.98 -35.77
N LEU G 52 -25.43 5.70 -36.83
CA LEU G 52 -25.77 4.69 -37.80
C LEU G 52 -24.76 3.56 -37.71
N VAL G 53 -25.18 2.45 -37.11
CA VAL G 53 -24.24 1.42 -36.66
C VAL G 53 -24.35 0.16 -37.51
N PRO G 54 -23.22 -0.57 -37.69
CA PRO G 54 -23.34 -1.85 -38.39
C PRO G 54 -24.18 -2.87 -37.63
N GLN G 55 -24.86 -3.74 -38.37
CA GLN G 55 -25.69 -4.79 -37.78
C GLN G 55 -24.90 -5.69 -36.83
N GLU G 56 -23.62 -5.90 -37.16
CA GLU G 56 -22.82 -6.93 -36.49
C GLU G 56 -22.15 -6.44 -35.21
N LEU G 57 -22.03 -5.13 -35.05
CA LEU G 57 -21.29 -4.55 -33.95
C LEU G 57 -21.88 -4.94 -32.60
N THR G 58 -21.03 -5.09 -31.60
CA THR G 58 -21.46 -5.44 -30.26
C THR G 58 -21.67 -4.19 -29.43
N MET G 59 -22.46 -4.31 -28.37
CA MET G 59 -22.72 -3.18 -27.47
C MET G 59 -21.43 -2.67 -26.84
N THR G 60 -20.48 -3.56 -26.63
CA THR G 60 -19.16 -3.19 -26.11
C THR G 60 -18.47 -2.23 -27.08
N GLN G 61 -18.26 -2.72 -28.30
CA GLN G 61 -17.68 -1.92 -29.37
C GLN G 61 -18.37 -0.57 -29.48
N PHE G 62 -19.69 -0.60 -29.51
CA PHE G 62 -20.48 0.62 -29.66
C PHE G 62 -20.26 1.56 -28.47
N LEU G 63 -20.25 1.00 -27.27
CA LEU G 63 -19.99 1.80 -26.08
C LEU G 63 -18.63 2.48 -26.21
N SER G 64 -17.62 1.72 -26.62
CA SER G 64 -16.30 2.29 -26.88
C SER G 64 -16.39 3.43 -27.90
N ILE G 65 -17.12 3.17 -28.98
CA ILE G 65 -17.33 4.17 -30.03
C ILE G 65 -17.91 5.46 -29.41
N ILE G 66 -18.90 5.31 -28.54
CA ILE G 66 -19.50 6.47 -27.88
C ILE G 66 -18.49 7.19 -26.99
N ARG G 67 -17.85 6.42 -26.11
CA ARG G 67 -16.89 6.98 -25.16
C ARG G 67 -15.73 7.66 -25.86
N SER G 68 -15.39 7.18 -27.05
CA SER G 68 -14.32 7.79 -27.83
C SER G 68 -14.67 9.20 -28.31
N ARG G 69 -15.95 9.57 -28.20
CA ARG G 69 -16.41 10.90 -28.58
C ARG G 69 -16.43 11.85 -27.39
N MET G 70 -15.96 11.36 -26.24
CA MET G 70 -15.96 12.14 -25.01
C MET G 70 -14.56 12.19 -24.44
N VAL G 71 -14.25 13.29 -23.75
CA VAL G 71 -12.96 13.45 -23.09
C VAL G 71 -13.11 13.12 -21.61
N LEU G 72 -12.67 11.93 -21.22
CA LEU G 72 -12.91 11.41 -19.86
C LEU G 72 -11.70 10.69 -19.28
N ARG G 73 -11.69 10.55 -17.96
CA ARG G 73 -10.68 9.75 -17.28
C ARG G 73 -11.03 8.27 -17.39
N ALA G 74 -10.08 7.41 -17.04
CA ALA G 74 -10.30 5.96 -17.12
C ALA G 74 -11.26 5.49 -16.03
N THR G 75 -11.09 6.03 -14.83
CA THR G 75 -11.96 5.70 -13.69
C THR G 75 -13.42 6.02 -14.01
N GLU G 76 -13.63 6.99 -14.88
CA GLU G 76 -14.98 7.41 -15.26
C GLU G 76 -15.52 6.55 -16.40
N ALA G 77 -16.30 5.54 -16.05
CA ALA G 77 -16.97 4.68 -17.03
C ALA G 77 -18.48 4.72 -16.79
N PHE G 78 -19.25 4.45 -17.83
CA PHE G 78 -20.70 4.61 -17.78
C PHE G 78 -21.45 3.44 -18.41
N TYR G 79 -22.77 3.45 -18.29
CA TYR G 79 -23.63 2.39 -18.79
C TYR G 79 -24.53 2.89 -19.92
N LEU G 80 -24.83 1.97 -20.85
CA LEU G 80 -25.86 2.18 -21.87
C LEU G 80 -27.15 1.47 -21.48
N LEU G 81 -28.25 2.22 -21.42
CA LEU G 81 -29.57 1.68 -21.15
C LEU G 81 -30.47 1.91 -22.35
N VAL G 82 -30.79 0.83 -23.06
CA VAL G 82 -31.70 0.91 -24.19
C VAL G 82 -33.10 1.21 -23.65
N ASN G 83 -33.72 2.23 -24.23
CA ASN G 83 -35.01 2.73 -23.77
C ASN G 83 -34.94 3.22 -22.32
N ASN G 84 -33.73 3.53 -21.86
CA ASN G 84 -33.52 4.09 -20.53
C ASN G 84 -33.98 3.16 -19.41
N LYS G 85 -34.26 1.90 -19.75
CA LYS G 85 -34.78 0.94 -18.77
C LYS G 85 -34.15 -0.43 -18.91
N SER G 86 -33.51 -0.70 -20.05
CA SER G 86 -33.06 -2.05 -20.38
C SER G 86 -31.54 -2.19 -20.42
N LEU G 87 -31.00 -3.00 -19.51
CA LEU G 87 -29.62 -3.43 -19.60
C LEU G 87 -29.56 -4.69 -20.44
N VAL G 88 -28.75 -4.65 -21.50
CA VAL G 88 -28.68 -5.77 -22.43
C VAL G 88 -27.34 -6.49 -22.28
N SER G 89 -27.28 -7.73 -22.75
CA SER G 89 -26.04 -8.48 -22.76
C SER G 89 -25.05 -7.78 -23.67
N MET G 90 -23.85 -7.53 -23.17
CA MET G 90 -22.82 -6.86 -23.95
C MET G 90 -22.28 -7.77 -25.06
N SER G 91 -22.67 -9.04 -25.01
CA SER G 91 -22.29 -9.99 -26.04
C SER G 91 -23.11 -9.78 -27.31
N ALA G 92 -24.29 -9.19 -27.14
CA ALA G 92 -25.27 -9.07 -28.23
C ALA G 92 -24.84 -8.09 -29.31
N THR G 93 -25.32 -8.34 -30.53
CA THR G 93 -25.03 -7.47 -31.67
C THR G 93 -26.12 -6.42 -31.83
N MET G 94 -25.78 -5.31 -32.50
CA MET G 94 -26.73 -4.23 -32.74
C MET G 94 -28.01 -4.72 -33.42
N ALA G 95 -27.87 -5.69 -34.32
CA ALA G 95 -29.02 -6.26 -35.02
C ALA G 95 -30.00 -6.89 -34.04
N GLU G 96 -29.48 -7.61 -33.05
CA GLU G 96 -30.32 -8.22 -32.02
C GLU G 96 -31.05 -7.15 -31.22
N ILE G 97 -30.32 -6.10 -30.85
CA ILE G 97 -30.90 -4.97 -30.14
C ILE G 97 -32.02 -4.37 -31.00
N TYR G 98 -31.76 -4.25 -32.30
CA TYR G 98 -32.75 -3.72 -33.22
C TYR G 98 -33.98 -4.61 -33.24
N ARG G 99 -33.77 -5.92 -33.34
CA ARG G 99 -34.87 -6.86 -33.38
C ARG G 99 -35.70 -6.84 -32.09
N ASP G 100 -35.02 -6.80 -30.95
CA ASP G 100 -35.68 -6.97 -29.66
C ASP G 100 -36.05 -5.66 -28.94
N TYR G 101 -35.50 -4.53 -29.40
CA TYR G 101 -35.73 -3.25 -28.71
C TYR G 101 -36.03 -2.07 -29.64
N LYS G 102 -36.42 -2.35 -30.88
CA LYS G 102 -36.73 -1.29 -31.83
C LYS G 102 -37.94 -0.46 -31.40
N ASP G 103 -37.91 0.83 -31.71
CA ASP G 103 -39.03 1.73 -31.44
C ASP G 103 -39.91 1.81 -32.69
N GLU G 104 -41.18 2.18 -32.49
CA GLU G 104 -42.13 2.24 -33.59
C GLU G 104 -41.71 3.23 -34.67
N ASP G 105 -40.83 4.17 -34.32
CA ASP G 105 -40.41 5.20 -35.25
C ASP G 105 -39.30 4.71 -36.17
N GLY G 106 -38.65 3.62 -35.78
CA GLY G 106 -37.59 3.02 -36.58
C GLY G 106 -36.24 3.00 -35.91
N PHE G 107 -36.05 3.89 -34.93
CA PHE G 107 -34.80 3.97 -34.18
C PHE G 107 -34.77 2.99 -33.02
N VAL G 108 -33.58 2.78 -32.46
CA VAL G 108 -33.45 2.21 -31.13
C VAL G 108 -32.93 3.35 -30.27
N TYR G 109 -33.49 3.50 -29.07
CA TYR G 109 -33.15 4.60 -28.19
C TYR G 109 -32.28 4.15 -27.03
N MET G 110 -31.06 4.68 -26.97
CA MET G 110 -30.14 4.39 -25.88
C MET G 110 -29.90 5.63 -25.04
N THR G 111 -29.84 5.43 -23.74
CA THR G 111 -29.44 6.46 -22.79
C THR G 111 -28.09 6.06 -22.22
N TYR G 112 -27.23 7.02 -21.91
CA TYR G 112 -25.98 6.70 -21.23
C TYR G 112 -25.91 7.40 -19.89
N ALA G 113 -25.51 6.66 -18.87
CA ALA G 113 -25.51 7.18 -17.51
C ALA G 113 -24.33 6.66 -16.68
N SER G 114 -23.79 7.55 -15.84
CA SER G 114 -22.75 7.17 -14.90
C SER G 114 -23.35 6.34 -13.77
N GLN G 115 -24.59 6.65 -13.42
CA GLN G 115 -25.31 5.95 -12.37
C GLN G 115 -26.80 6.21 -12.49
N GLU G 116 -27.60 5.19 -12.22
CA GLU G 116 -29.04 5.35 -12.22
C GLU G 116 -29.71 4.39 -11.24
N THR G 117 -30.75 4.88 -10.58
CA THR G 117 -31.54 4.07 -9.67
C THR G 117 -32.94 3.94 -10.25
N PHE G 118 -33.41 2.70 -10.38
CA PHE G 118 -34.68 2.40 -11.03
C PHE G 118 -35.81 2.29 -10.00
N GLU H 4 -26.85 17.58 -31.36
CA GLU H 4 -27.66 17.95 -32.51
C GLU H 4 -28.22 16.69 -33.17
N ASP H 5 -28.63 16.83 -34.43
CA ASP H 5 -29.05 15.69 -35.22
C ASP H 5 -27.84 15.05 -35.90
N GLU H 6 -27.56 15.48 -37.14
CA GLU H 6 -26.41 15.06 -37.96
C GLU H 6 -25.85 13.67 -37.66
N TRP H 7 -26.11 12.74 -38.58
CA TRP H 7 -25.71 11.34 -38.42
C TRP H 7 -24.21 11.13 -38.23
N VAL H 8 -23.88 10.27 -37.28
CA VAL H 8 -22.54 9.73 -37.13
C VAL H 8 -22.52 8.33 -37.70
N ASN H 9 -21.91 8.18 -38.88
CA ASN H 9 -21.88 6.90 -39.56
C ASN H 9 -20.71 6.05 -39.08
N VAL H 10 -21.01 5.08 -38.22
CA VAL H 10 -20.01 4.15 -37.72
C VAL H 10 -19.61 3.17 -38.81
N GLN H 11 -18.32 3.17 -39.16
CA GLN H 11 -17.81 2.33 -40.24
C GLN H 11 -17.23 1.03 -39.72
N TYR H 12 -17.36 -0.03 -40.51
CA TYR H 12 -16.78 -1.34 -40.19
C TYR H 12 -17.38 -1.91 -38.90
N ARG I 4 -3.85 -9.83 9.68
CA ARG I 4 -2.68 -10.68 10.08
C ARG I 4 -1.46 -9.86 10.47
N PRO I 5 -1.17 -8.76 9.73
CA PRO I 5 0.01 -7.96 10.09
C PRO I 5 -0.10 -7.29 11.46
N PHE I 6 1.05 -7.12 12.12
CA PHE I 6 1.12 -6.65 13.51
C PHE I 6 0.40 -5.33 13.75
N LYS I 7 0.71 -4.32 12.95
CA LYS I 7 0.10 -3.00 13.13
C LYS I 7 -1.40 -3.03 12.87
N GLN I 8 -1.86 -4.05 12.15
CA GLN I 8 -3.28 -4.24 11.92
C GLN I 8 -3.89 -5.06 13.06
N ARG I 9 -3.09 -5.95 13.63
CA ARG I 9 -3.53 -6.76 14.77
C ARG I 9 -3.73 -5.90 16.01
N LYS I 10 -2.85 -4.93 16.19
CA LYS I 10 -2.76 -4.19 17.45
C LYS I 10 -2.62 -2.69 17.26
N SER I 11 -3.35 -1.93 18.07
CA SER I 11 -3.33 -0.47 17.99
C SER I 11 -2.05 0.08 18.58
N LEU I 12 -1.68 1.29 18.15
CA LEU I 12 -0.42 1.91 18.56
C LEU I 12 -0.28 1.94 20.08
N ALA I 13 -1.36 2.35 20.76
CA ALA I 13 -1.35 2.41 22.22
C ALA I 13 -1.01 1.06 22.82
N ILE I 14 -1.72 0.02 22.37
CA ILE I 14 -1.50 -1.34 22.85
C ILE I 14 -0.04 -1.76 22.62
N ARG I 15 0.47 -1.46 21.43
CA ARG I 15 1.86 -1.78 21.09
C ARG I 15 2.82 -1.09 22.06
N GLN I 16 2.66 0.22 22.21
CA GLN I 16 3.49 1.00 23.12
C GLN I 16 3.43 0.45 24.54
N GLU I 17 2.21 0.10 24.98
CA GLU I 17 2.04 -0.45 26.32
C GLU I 17 2.74 -1.79 26.47
N GLU I 18 2.64 -2.64 25.45
CA GLU I 18 3.38 -3.91 25.43
C GLU I 18 4.88 -3.65 25.55
N VAL I 19 5.37 -2.70 24.76
CA VAL I 19 6.78 -2.29 24.82
C VAL I 19 7.13 -1.89 26.25
N ALA I 20 6.36 -0.98 26.82
CA ALA I 20 6.61 -0.51 28.18
C ALA I 20 6.70 -1.68 29.15
N GLY I 21 5.69 -2.55 29.10
CA GLY I 21 5.67 -3.73 29.94
C GLY I 21 6.91 -4.58 29.77
N ILE I 22 7.30 -4.82 28.51
CA ILE I 22 8.43 -5.70 28.26
C ILE I 22 9.76 -5.05 28.67
N ARG I 23 9.89 -3.74 28.51
CA ARG I 23 11.13 -3.08 28.92
C ARG I 23 11.15 -2.96 30.43
N ALA I 24 9.98 -2.93 31.05
CA ALA I 24 9.91 -3.07 32.50
C ALA I 24 10.39 -4.46 32.91
N LYS I 25 9.87 -5.49 32.24
CA LYS I 25 10.28 -6.87 32.54
C LYS I 25 11.75 -7.16 32.22
N PHE I 26 12.16 -6.84 30.99
CA PHE I 26 13.54 -7.07 30.55
C PHE I 26 14.19 -5.74 30.16
N PRO I 27 14.94 -5.12 31.08
CA PRO I 27 15.42 -3.76 30.82
C PRO I 27 16.62 -3.68 29.88
N ASN I 28 17.34 -4.79 29.72
CA ASN I 28 18.58 -4.80 28.94
C ASN I 28 18.42 -5.33 27.52
N LYS I 29 17.18 -5.64 27.13
CA LYS I 29 16.92 -6.26 25.83
C LYS I 29 16.05 -5.41 24.91
N ILE I 30 16.08 -5.74 23.62
CA ILE I 30 15.39 -4.99 22.58
C ILE I 30 14.22 -5.79 22.04
N PRO I 31 13.05 -5.15 21.88
CA PRO I 31 11.90 -5.81 21.27
C PRO I 31 11.90 -5.71 19.75
N VAL I 32 11.81 -6.85 19.08
CA VAL I 32 11.88 -6.89 17.62
C VAL I 32 10.70 -7.68 17.05
N VAL I 33 9.94 -7.03 16.17
CA VAL I 33 8.89 -7.70 15.40
C VAL I 33 9.46 -8.05 14.03
N VAL I 34 9.30 -9.31 13.67
CA VAL I 34 9.75 -9.82 12.39
C VAL I 34 8.61 -10.50 11.66
N GLU I 35 8.42 -10.13 10.39
CA GLU I 35 7.35 -10.68 9.59
C GLU I 35 7.87 -11.16 8.25
N ARG I 36 7.14 -12.08 7.63
CA ARG I 36 7.43 -12.50 6.27
C ARG I 36 6.97 -11.40 5.31
N TYR I 37 7.80 -11.10 4.32
CA TYR I 37 7.45 -10.12 3.30
C TYR I 37 6.12 -10.55 2.68
N PRO I 38 5.09 -9.69 2.75
CA PRO I 38 3.72 -10.10 2.39
C PRO I 38 3.63 -10.78 1.01
N ARG I 39 4.52 -10.43 0.10
CA ARG I 39 4.56 -11.09 -1.20
C ARG I 39 5.07 -12.51 -1.04
N GLU I 40 6.22 -12.62 -0.35
CA GLU I 40 7.01 -13.85 -0.25
C GLU I 40 6.27 -15.13 -0.59
N THR I 41 6.64 -15.71 -1.73
CA THR I 41 6.01 -16.91 -2.25
C THR I 41 6.93 -18.12 -2.12
N PHE I 42 8.19 -17.86 -1.82
N PHE I 42 8.20 -17.86 -1.82
CA PHE I 42 9.25 -18.86 -1.91
CA PHE I 42 9.23 -18.90 -1.90
C PHE I 42 9.62 -19.44 -0.54
C PHE I 42 9.63 -19.45 -0.54
N LEU I 43 9.31 -18.70 0.53
CA LEU I 43 9.68 -19.10 1.89
C LEU I 43 8.50 -19.49 2.76
N PRO I 44 8.75 -20.31 3.80
CA PRO I 44 7.77 -20.57 4.85
C PRO I 44 7.67 -19.41 5.83
N PRO I 45 6.70 -19.45 6.75
CA PRO I 45 6.46 -18.36 7.70
C PRO I 45 7.19 -18.56 9.03
N LEU I 46 6.93 -17.66 9.98
CA LEU I 46 7.38 -17.82 11.35
C LEU I 46 6.18 -17.95 12.27
N ASP I 47 6.17 -19.00 13.09
CA ASP I 47 5.06 -19.24 14.01
C ASP I 47 4.84 -18.06 14.95
N LYS I 48 5.93 -17.43 15.39
CA LYS I 48 5.86 -16.28 16.28
C LYS I 48 6.41 -15.04 15.59
N THR I 49 5.96 -13.88 16.06
CA THR I 49 6.27 -12.61 15.41
C THR I 49 7.17 -11.70 16.25
N LYS I 50 7.19 -11.95 17.56
CA LYS I 50 7.85 -11.07 18.51
C LYS I 50 9.11 -11.68 19.13
N PHE I 51 10.18 -10.89 19.17
CA PHE I 51 11.48 -11.35 19.66
C PHE I 51 12.06 -10.40 20.69
N LEU I 52 12.77 -10.95 21.68
CA LEU I 52 13.52 -10.15 22.65
C LEU I 52 15.00 -10.42 22.49
N VAL I 53 15.78 -9.37 22.21
CA VAL I 53 17.17 -9.52 21.80
C VAL I 53 18.17 -8.81 22.69
N PRO I 54 19.26 -9.51 23.07
CA PRO I 54 20.42 -8.87 23.70
C PRO I 54 20.94 -7.67 22.92
N GLN I 55 21.61 -6.76 23.62
CA GLN I 55 22.10 -5.51 23.05
C GLN I 55 23.22 -5.72 22.02
N GLU I 56 24.16 -6.60 22.35
CA GLU I 56 25.36 -6.77 21.54
C GLU I 56 25.18 -7.83 20.45
N LEU I 57 24.01 -8.46 20.40
CA LEU I 57 23.68 -9.35 19.31
C LEU I 57 23.73 -8.55 18.01
N THR I 58 24.27 -9.15 16.95
CA THR I 58 24.36 -8.48 15.66
C THR I 58 23.29 -8.97 14.69
N MET I 59 23.07 -8.21 13.63
CA MET I 59 22.07 -8.54 12.63
C MET I 59 22.37 -9.90 12.01
N THR I 60 23.64 -10.13 11.72
CA THR I 60 24.07 -11.39 11.13
C THR I 60 23.87 -12.51 12.14
N GLN I 61 24.04 -12.19 13.43
CA GLN I 61 23.81 -13.15 14.49
C GLN I 61 22.31 -13.38 14.70
N PHE I 62 21.51 -12.36 14.40
CA PHE I 62 20.07 -12.49 14.49
C PHE I 62 19.54 -13.32 13.33
N LEU I 63 20.17 -13.14 12.17
CA LEU I 63 19.81 -13.88 10.96
C LEU I 63 19.84 -15.38 11.21
N SER I 64 20.95 -15.87 11.76
CA SER I 64 21.11 -17.30 12.04
C SER I 64 20.05 -17.79 13.02
N ILE I 65 19.69 -16.93 13.96
CA ILE I 65 18.71 -17.29 14.98
C ILE I 65 17.32 -17.40 14.36
N ILE I 66 16.93 -16.40 13.58
CA ILE I 66 15.66 -16.45 12.87
C ILE I 66 15.66 -17.64 11.90
N ARG I 67 16.81 -17.94 11.34
CA ARG I 67 16.98 -19.12 10.50
C ARG I 67 16.70 -20.39 11.30
N SER I 68 17.29 -20.48 12.48
CA SER I 68 17.13 -21.65 13.34
C SER I 68 15.67 -21.98 13.65
N ARG I 69 14.78 -21.01 13.45
CA ARG I 69 13.36 -21.19 13.75
C ARG I 69 12.62 -21.91 12.63
N MET I 70 13.12 -21.75 11.41
CA MET I 70 12.45 -22.26 10.21
C MET I 70 13.11 -23.53 9.68
N VAL I 71 12.31 -24.41 9.08
CA VAL I 71 12.85 -25.55 8.34
C VAL I 71 13.08 -25.11 6.91
N LEU I 72 14.32 -25.21 6.47
CA LEU I 72 14.73 -24.68 5.17
C LEU I 72 15.64 -25.64 4.42
N ARG I 73 15.60 -25.57 3.10
CA ARG I 73 16.61 -26.24 2.28
C ARG I 73 17.91 -25.46 2.45
N ALA I 74 19.03 -26.16 2.52
CA ALA I 74 20.33 -25.52 2.70
C ALA I 74 20.63 -24.54 1.56
N THR I 75 19.97 -24.77 0.43
CA THR I 75 20.07 -23.85 -0.71
C THR I 75 19.26 -22.59 -0.45
N GLU I 76 18.20 -22.73 0.34
CA GLU I 76 17.29 -21.63 0.62
C GLU I 76 17.92 -20.61 1.56
N ALA I 77 17.72 -19.33 1.27
CA ALA I 77 18.23 -18.25 2.10
C ALA I 77 17.30 -17.04 2.03
N PHE I 78 17.55 -16.04 2.88
CA PHE I 78 16.73 -14.84 2.89
C PHE I 78 17.46 -13.64 3.46
N TYR I 79 17.04 -12.46 3.02
CA TYR I 79 17.49 -11.20 3.59
C TYR I 79 16.51 -10.70 4.63
N LEU I 80 17.03 -9.93 5.57
CA LEU I 80 16.26 -9.31 6.64
C LEU I 80 16.27 -7.80 6.48
N LEU I 81 15.13 -7.22 6.10
CA LEU I 81 15.05 -5.79 5.83
C LEU I 81 14.38 -5.04 7.00
N VAL I 82 15.14 -4.17 7.66
CA VAL I 82 14.61 -3.34 8.74
C VAL I 82 13.57 -2.39 8.15
N ASN I 83 12.38 -2.41 8.74
CA ASN I 83 11.20 -1.70 8.24
C ASN I 83 10.81 -2.13 6.82
N ASN I 84 11.59 -3.01 6.19
CA ASN I 84 11.42 -3.37 4.79
C ASN I 84 11.78 -2.23 3.84
N LYS I 85 12.47 -1.22 4.34
CA LYS I 85 12.97 -0.13 3.51
C LYS I 85 14.49 -0.04 3.59
N SER I 86 15.08 -0.70 4.59
CA SER I 86 16.50 -0.53 4.89
C SER I 86 17.29 -1.82 4.94
N LEU I 87 18.30 -1.91 4.08
CA LEU I 87 19.34 -2.92 4.17
C LEU I 87 20.42 -2.38 5.09
N VAL I 88 20.32 -2.68 6.37
CA VAL I 88 21.22 -2.09 7.35
C VAL I 88 22.55 -2.85 7.40
N SER I 89 23.49 -2.33 8.16
CA SER I 89 24.77 -3.01 8.34
C SER I 89 24.55 -4.33 9.07
N MET I 90 24.94 -5.42 8.42
CA MET I 90 24.84 -6.74 9.03
C MET I 90 25.81 -6.88 10.20
N SER I 91 26.81 -6.02 10.24
CA SER I 91 27.82 -6.04 11.31
C SER I 91 27.33 -5.31 12.55
N ALA I 92 26.28 -4.52 12.42
CA ALA I 92 25.75 -3.71 13.52
C ALA I 92 25.15 -4.56 14.62
N THR I 93 25.25 -4.07 15.85
CA THR I 93 24.58 -4.69 16.99
C THR I 93 23.11 -4.25 16.98
N MET I 94 22.30 -4.83 17.87
CA MET I 94 20.87 -4.53 17.84
C MET I 94 20.56 -3.20 18.53
N ALA I 95 21.47 -2.73 19.39
CA ALA I 95 21.31 -1.45 20.04
C ALA I 95 21.46 -0.31 19.02
N GLU I 96 22.39 -0.47 18.09
CA GLU I 96 22.59 0.54 17.05
CA GLU I 96 22.61 0.52 17.05
C GLU I 96 21.42 0.54 16.08
N ILE I 97 20.97 -0.64 15.68
CA ILE I 97 19.82 -0.75 14.78
C ILE I 97 18.59 -0.20 15.49
N TYR I 98 18.47 -0.49 16.78
CA TYR I 98 17.37 0.07 17.57
C TYR I 98 17.45 1.59 17.55
N ARG I 99 18.57 2.15 17.99
CA ARG I 99 18.68 3.60 18.10
C ARG I 99 18.53 4.27 16.73
N ASP I 100 18.97 3.60 15.67
CA ASP I 100 18.92 4.19 14.33
C ASP I 100 17.57 4.02 13.64
N TYR I 101 16.93 2.86 13.82
CA TYR I 101 15.77 2.48 13.00
C TYR I 101 14.53 2.05 13.79
N LYS I 102 14.48 2.33 15.08
CA LYS I 102 13.32 1.94 15.88
C LYS I 102 12.08 2.70 15.42
N ASP I 103 11.00 1.98 15.16
CA ASP I 103 9.71 2.60 14.98
C ASP I 103 9.40 3.32 16.28
N GLU I 104 8.78 4.49 16.18
CA GLU I 104 8.50 5.29 17.38
C GLU I 104 7.24 4.80 18.09
N ASP I 105 7.02 3.48 18.06
CA ASP I 105 6.03 2.82 18.89
C ASP I 105 6.74 1.99 19.95
N GLY I 106 8.06 1.87 19.81
CA GLY I 106 8.89 1.15 20.75
C GLY I 106 9.61 -0.02 20.10
N PHE I 107 8.94 -0.67 19.16
CA PHE I 107 9.52 -1.79 18.42
C PHE I 107 10.46 -1.32 17.32
N VAL I 108 11.32 -2.23 16.88
CA VAL I 108 12.00 -2.09 15.60
C VAL I 108 11.48 -3.20 14.70
N TYR I 109 10.91 -2.82 13.56
CA TYR I 109 10.31 -3.76 12.64
C TYR I 109 11.29 -4.23 11.59
N MET I 110 11.17 -5.51 11.23
CA MET I 110 11.94 -6.09 10.15
C MET I 110 11.05 -7.00 9.33
N THR I 111 11.43 -7.20 8.08
CA THR I 111 10.70 -8.10 7.20
C THR I 111 11.68 -8.92 6.40
N TYR I 112 11.54 -10.25 6.45
CA TYR I 112 12.48 -11.13 5.76
C TYR I 112 11.92 -11.64 4.43
N ALA I 113 12.83 -11.86 3.47
CA ALA I 113 12.43 -12.36 2.16
C ALA I 113 13.60 -12.99 1.40
N SER I 114 13.29 -13.97 0.55
CA SER I 114 14.31 -14.62 -0.27
C SER I 114 14.80 -13.69 -1.38
N GLN I 115 13.96 -12.73 -1.75
CA GLN I 115 14.31 -11.77 -2.78
C GLN I 115 13.32 -10.61 -2.74
N GLU I 116 13.74 -9.46 -3.26
CA GLU I 116 12.87 -8.29 -3.28
C GLU I 116 13.44 -7.21 -4.18
N THR I 117 12.55 -6.41 -4.76
N THR I 117 12.55 -6.41 -4.76
CA THR I 117 12.95 -5.29 -5.61
CA THR I 117 12.93 -5.30 -5.61
C THR I 117 12.32 -4.00 -5.10
C THR I 117 12.31 -4.00 -5.10
N PHE I 118 13.00 -2.88 -5.35
CA PHE I 118 12.52 -1.56 -4.94
C PHE I 118 12.48 -0.61 -6.12
N GLU J 4 1.79 -15.18 19.01
CA GLU J 4 0.56 -14.39 19.11
C GLU J 4 0.60 -13.48 20.33
N ASP J 5 1.25 -13.95 21.39
CA ASP J 5 1.41 -13.18 22.62
C ASP J 5 2.70 -13.55 23.35
N GLU J 6 3.24 -14.73 23.05
CA GLU J 6 4.47 -15.20 23.66
C GLU J 6 5.69 -14.64 22.94
N TRP J 7 6.73 -14.31 23.70
CA TRP J 7 7.96 -13.76 23.15
C TRP J 7 9.00 -14.84 22.87
N VAL J 8 9.86 -14.58 21.89
CA VAL J 8 11.03 -15.40 21.65
C VAL J 8 12.21 -14.76 22.34
N ASN J 9 12.43 -15.11 23.60
CA ASN J 9 13.52 -14.54 24.39
C ASN J 9 14.86 -15.07 23.93
N VAL J 10 15.59 -14.24 23.19
CA VAL J 10 16.85 -14.64 22.57
C VAL J 10 18.01 -14.53 23.57
N GLN J 11 18.98 -15.42 23.45
CA GLN J 11 20.12 -15.48 24.36
C GLN J 11 21.38 -14.80 23.81
N TYR J 12 22.02 -14.00 24.66
CA TYR J 12 23.28 -13.29 24.39
C TYR J 12 23.57 -13.02 22.91
N ARG K 4 -13.01 -30.03 -19.57
CA ARG K 4 -11.96 -30.97 -19.12
C ARG K 4 -10.66 -30.26 -18.71
N PRO K 5 -10.25 -29.22 -19.47
CA PRO K 5 -9.06 -28.45 -19.05
C PRO K 5 -9.19 -27.86 -17.65
N PHE K 6 -8.04 -27.56 -17.02
CA PHE K 6 -8.00 -27.16 -15.62
C PHE K 6 -8.69 -25.82 -15.36
N LYS K 7 -8.36 -24.81 -16.15
CA LYS K 7 -8.93 -23.48 -15.96
C LYS K 7 -10.43 -23.48 -16.20
N GLN K 8 -10.92 -24.49 -16.91
CA GLN K 8 -12.36 -24.65 -17.12
C GLN K 8 -12.93 -25.53 -16.01
N ARG K 9 -12.11 -26.48 -15.55
CA ARG K 9 -12.48 -27.38 -14.46
C ARG K 9 -12.78 -26.59 -13.19
N LYS K 10 -12.02 -25.52 -12.98
CA LYS K 10 -12.03 -24.81 -11.70
C LYS K 10 -11.92 -23.30 -11.88
N SER K 11 -12.69 -22.57 -11.08
CA SER K 11 -12.67 -21.11 -11.11
C SER K 11 -11.35 -20.57 -10.56
N LEU K 12 -11.03 -19.33 -10.93
CA LEU K 12 -9.78 -18.71 -10.54
C LEU K 12 -9.61 -18.68 -9.02
N ALA K 13 -10.66 -18.21 -8.34
CA ALA K 13 -10.66 -18.11 -6.88
C ALA K 13 -10.38 -19.48 -6.23
N ILE K 14 -11.11 -20.50 -6.69
CA ILE K 14 -10.93 -21.84 -6.18
C ILE K 14 -9.49 -22.30 -6.37
N ARG K 15 -8.91 -21.97 -7.53
CA ARG K 15 -7.54 -22.38 -7.84
C ARG K 15 -6.54 -21.69 -6.90
N GLN K 16 -6.64 -20.37 -6.79
CA GLN K 16 -5.79 -19.63 -5.84
C GLN K 16 -5.91 -20.23 -4.44
N GLU K 17 -7.15 -20.37 -3.99
CA GLU K 17 -7.43 -20.92 -2.67
C GLU K 17 -6.88 -22.34 -2.55
N GLU K 18 -6.89 -23.08 -3.66
CA GLU K 18 -6.35 -24.43 -3.67
C GLU K 18 -4.82 -24.40 -3.52
N VAL K 19 -4.18 -23.41 -4.16
CA VAL K 19 -2.74 -23.22 -4.00
C VAL K 19 -2.40 -22.88 -2.53
N ALA K 20 -3.17 -21.97 -1.95
CA ALA K 20 -2.94 -21.57 -0.55
C ALA K 20 -2.80 -22.75 0.41
N GLY K 21 -3.71 -23.72 0.31
CA GLY K 21 -3.69 -24.87 1.20
C GLY K 21 -2.43 -25.71 1.05
N ILE K 22 -2.05 -25.99 -0.19
CA ILE K 22 -0.85 -26.76 -0.45
C ILE K 22 0.36 -25.94 -0.01
N ARG K 23 0.24 -24.62 -0.09
CA ARG K 23 1.28 -23.73 0.42
C ARG K 23 1.36 -23.85 1.94
N ALA K 24 0.21 -24.00 2.59
CA ALA K 24 0.18 -24.24 4.02
C ALA K 24 0.84 -25.57 4.38
N LYS K 25 0.41 -26.65 3.75
CA LYS K 25 0.96 -27.97 4.07
C LYS K 25 2.40 -28.15 3.60
N PHE K 26 2.73 -27.54 2.46
CA PHE K 26 4.04 -27.67 1.84
C PHE K 26 4.58 -26.33 1.40
N PRO K 27 5.30 -25.62 2.29
CA PRO K 27 5.71 -24.24 2.01
C PRO K 27 7.00 -24.10 1.19
N ASN K 28 7.69 -25.21 0.94
CA ASN K 28 8.97 -25.18 0.24
C ASN K 28 8.92 -25.74 -1.19
N LYS K 29 7.78 -26.32 -1.56
CA LYS K 29 7.63 -26.93 -2.88
C LYS K 29 6.74 -26.09 -3.80
N ILE K 30 6.67 -26.49 -5.07
CA ILE K 30 6.02 -25.72 -6.12
C ILE K 30 4.86 -26.50 -6.72
N PRO K 31 3.68 -25.88 -6.82
CA PRO K 31 2.52 -26.55 -7.44
C PRO K 31 2.56 -26.45 -8.96
N VAL K 32 2.49 -27.59 -9.63
CA VAL K 32 2.57 -27.62 -11.09
C VAL K 32 1.38 -28.36 -11.71
N VAL K 33 0.71 -27.70 -12.64
CA VAL K 33 -0.31 -28.35 -13.47
C VAL K 33 0.33 -28.81 -14.78
N VAL K 34 0.16 -30.09 -15.11
CA VAL K 34 0.64 -30.64 -16.36
C VAL K 34 -0.54 -31.26 -17.09
N GLU K 35 -0.73 -30.83 -18.33
CA GLU K 35 -1.82 -31.30 -19.16
C GLU K 35 -1.32 -31.86 -20.48
N ARG K 36 -2.04 -32.84 -21.01
CA ARG K 36 -1.81 -33.33 -22.36
C ARG K 36 -2.15 -32.20 -23.33
N TYR K 37 -1.30 -31.98 -24.32
CA TYR K 37 -1.59 -31.01 -25.37
C TYR K 37 -2.90 -31.42 -26.06
N PRO K 38 -3.96 -30.60 -25.92
CA PRO K 38 -5.29 -30.99 -26.41
C PRO K 38 -5.30 -31.60 -27.81
N ARG K 39 -4.47 -31.08 -28.71
CA ARG K 39 -4.39 -31.59 -30.07
C ARG K 39 -3.27 -32.60 -30.23
N GLU K 40 -2.91 -33.26 -29.13
CA GLU K 40 -1.92 -34.34 -29.17
C GLU K 40 -2.55 -35.56 -29.84
N THR K 41 -1.80 -36.16 -30.75
CA THR K 41 -2.24 -37.36 -31.45
C THR K 41 -1.06 -38.32 -31.53
N PHE K 42 -0.72 -38.90 -30.39
CA PHE K 42 0.49 -39.70 -30.27
C PHE K 42 0.53 -40.38 -28.90
N LEU K 43 0.31 -39.58 -27.85
CA LEU K 43 0.60 -39.99 -26.49
C LEU K 43 -0.63 -40.34 -25.65
N PRO K 44 -0.42 -41.10 -24.57
CA PRO K 44 -1.48 -41.31 -23.58
C PRO K 44 -1.62 -40.12 -22.65
N PRO K 45 -2.71 -40.06 -21.87
CA PRO K 45 -2.90 -38.95 -20.93
C PRO K 45 -2.31 -39.24 -19.55
N LEU K 46 -2.28 -38.23 -18.68
CA LEU K 46 -1.90 -38.42 -17.30
C LEU K 46 -3.12 -38.52 -16.41
N ASP K 47 -3.16 -39.54 -15.55
CA ASP K 47 -4.28 -39.74 -14.64
C ASP K 47 -4.34 -38.60 -13.63
N LYS K 48 -3.18 -38.08 -13.24
CA LYS K 48 -3.10 -36.95 -12.32
C LYS K 48 -2.57 -35.72 -13.06
N THR K 49 -3.12 -34.56 -12.71
CA THR K 49 -2.75 -33.31 -13.37
C THR K 49 -1.90 -32.42 -12.47
N LYS K 50 -2.06 -32.59 -11.16
CA LYS K 50 -1.42 -31.72 -10.17
C LYS K 50 -0.17 -32.37 -9.55
N PHE K 51 0.92 -31.60 -9.56
CA PHE K 51 2.20 -32.05 -9.03
C PHE K 51 2.69 -31.09 -7.96
N LEU K 52 3.42 -31.63 -7.00
CA LEU K 52 4.11 -30.82 -6.01
C LEU K 52 5.61 -31.04 -6.12
N VAL K 53 6.33 -29.97 -6.38
CA VAL K 53 7.69 -30.06 -6.91
C VAL K 53 8.75 -29.41 -6.01
N PRO K 54 9.81 -30.16 -5.67
CA PRO K 54 10.99 -29.59 -5.02
C PRO K 54 11.59 -28.42 -5.79
N GLN K 55 12.16 -27.46 -5.08
CA GLN K 55 12.64 -26.23 -5.69
C GLN K 55 13.86 -26.44 -6.58
N GLU K 56 14.81 -27.24 -6.12
CA GLU K 56 16.05 -27.46 -6.86
C GLU K 56 15.90 -28.60 -7.88
N LEU K 57 14.65 -28.94 -8.18
CA LEU K 57 14.37 -29.90 -9.25
C LEU K 57 14.62 -29.23 -10.59
N THR K 58 15.13 -29.99 -11.55
CA THR K 58 15.38 -29.46 -12.89
C THR K 58 14.19 -29.74 -13.80
N MET K 59 14.13 -29.03 -14.92
CA MET K 59 13.10 -29.27 -15.92
C MET K 59 13.25 -30.66 -16.52
N THR K 60 14.49 -31.06 -16.75
CA THR K 60 14.79 -32.40 -17.24
C THR K 60 14.39 -33.45 -16.21
N GLN K 61 14.74 -33.19 -14.96
CA GLN K 61 14.36 -34.03 -13.86
C GLN K 61 12.84 -34.17 -13.76
N PHE K 62 12.13 -33.10 -14.11
CA PHE K 62 10.67 -33.16 -14.09
C PHE K 62 10.17 -33.94 -15.29
N LEU K 63 10.81 -33.73 -16.43
CA LEU K 63 10.51 -34.46 -17.65
C LEU K 63 10.52 -35.96 -17.38
N SER K 64 11.65 -36.45 -16.89
CA SER K 64 11.80 -37.88 -16.59
C SER K 64 10.70 -38.39 -15.66
N ILE K 65 10.38 -37.59 -14.66
CA ILE K 65 9.37 -37.95 -13.67
C ILE K 65 7.99 -38.04 -14.33
N ILE K 66 7.67 -37.08 -15.20
CA ILE K 66 6.40 -37.14 -15.90
C ILE K 66 6.40 -38.33 -16.86
N ARG K 67 7.55 -38.65 -17.43
CA ARG K 67 7.66 -39.82 -18.28
C ARG K 67 7.35 -41.08 -17.48
N SER K 68 7.92 -41.19 -16.28
CA SER K 68 7.72 -42.36 -15.44
C SER K 68 6.25 -42.61 -15.10
N ARG K 69 5.41 -41.60 -15.28
CA ARG K 69 3.97 -41.73 -15.03
C ARG K 69 3.27 -42.47 -16.16
N MET K 70 3.81 -42.35 -17.36
CA MET K 70 3.17 -42.89 -18.56
C MET K 70 3.87 -44.15 -19.04
N VAL K 71 3.11 -45.00 -19.74
CA VAL K 71 3.69 -46.14 -20.46
C VAL K 71 3.86 -45.78 -21.92
N LEU K 72 5.11 -45.75 -22.37
CA LEU K 72 5.44 -45.36 -23.74
C LEU K 72 6.41 -46.34 -24.38
N ARG K 73 6.59 -46.22 -25.70
CA ARG K 73 7.71 -46.86 -26.37
C ARG K 73 8.93 -45.98 -26.15
N ALA K 74 10.12 -46.59 -26.19
CA ALA K 74 11.35 -45.80 -26.12
C ALA K 74 11.42 -44.88 -27.33
N THR K 75 10.81 -45.32 -28.42
CA THR K 75 10.69 -44.52 -29.63
C THR K 75 9.82 -43.29 -29.36
N GLU K 76 8.85 -43.48 -28.47
CA GLU K 76 7.90 -42.43 -28.13
C GLU K 76 8.52 -41.44 -27.15
N ALA K 77 8.27 -40.15 -27.36
CA ALA K 77 8.80 -39.10 -26.49
C ALA K 77 8.02 -37.80 -26.67
N PHE K 78 8.34 -36.81 -25.83
CA PHE K 78 7.59 -35.56 -25.84
C PHE K 78 8.39 -34.38 -25.29
N TYR K 79 8.02 -33.19 -25.77
CA TYR K 79 8.47 -31.94 -25.19
C TYR K 79 7.54 -31.55 -24.07
N LEU K 80 8.09 -30.83 -23.09
CA LEU K 80 7.31 -30.19 -22.04
C LEU K 80 7.37 -28.68 -22.21
N LEU K 81 6.22 -28.07 -22.53
CA LEU K 81 6.19 -26.64 -22.78
C LEU K 81 5.44 -25.88 -21.68
N VAL K 82 6.13 -24.92 -21.09
CA VAL K 82 5.54 -24.08 -20.05
C VAL K 82 4.44 -23.22 -20.66
N ASN K 83 3.22 -23.37 -20.13
CA ASN K 83 2.01 -22.75 -20.68
C ASN K 83 1.64 -23.27 -22.06
N ASN K 84 2.52 -24.10 -22.64
CA ASN K 84 2.48 -24.49 -24.04
C ASN K 84 2.79 -23.31 -24.96
N LYS K 85 3.51 -22.33 -24.42
CA LYS K 85 3.98 -21.20 -25.21
C LYS K 85 5.51 -21.11 -25.18
N SER K 86 6.12 -21.70 -24.16
CA SER K 86 7.55 -21.49 -23.90
C SER K 86 8.36 -22.77 -23.77
N LEU K 87 9.36 -22.89 -24.64
CA LEU K 87 10.43 -23.86 -24.45
C LEU K 87 11.48 -23.25 -23.55
N VAL K 88 11.49 -23.65 -22.29
CA VAL K 88 12.44 -23.09 -21.33
C VAL K 88 13.68 -23.97 -21.25
N SER K 89 14.70 -23.51 -20.55
CA SER K 89 15.92 -24.28 -20.38
C SER K 89 15.60 -25.57 -19.64
N MET K 90 16.05 -26.70 -20.18
CA MET K 90 15.92 -27.97 -19.50
C MET K 90 16.82 -28.00 -18.25
N SER K 91 17.75 -27.04 -18.19
CA SER K 91 18.63 -26.90 -17.04
C SER K 91 17.99 -26.05 -15.94
N ALA K 92 16.93 -25.34 -16.29
CA ALA K 92 16.27 -24.43 -15.35
C ALA K 92 15.73 -25.17 -14.14
N THR K 93 15.79 -24.50 -12.99
CA THR K 93 15.20 -25.00 -11.77
C THR K 93 13.72 -24.65 -11.75
N MET K 94 12.96 -25.31 -10.91
CA MET K 94 11.53 -25.10 -10.86
C MET K 94 11.19 -23.79 -10.13
N ALA K 95 12.07 -23.37 -9.23
CA ALA K 95 11.96 -22.06 -8.60
C ALA K 95 12.14 -20.95 -9.64
N GLU K 96 13.09 -21.16 -10.53
CA GLU K 96 13.35 -20.24 -11.63
C GLU K 96 12.14 -20.14 -12.56
N ILE K 97 11.62 -21.30 -12.96
CA ILE K 97 10.45 -21.36 -13.83
C ILE K 97 9.24 -20.76 -13.15
N TYR K 98 9.10 -21.00 -11.84
CA TYR K 98 8.03 -20.37 -11.10
C TYR K 98 8.19 -18.85 -11.18
N ARG K 99 9.36 -18.36 -10.77
CA ARG K 99 9.63 -16.93 -10.76
C ARG K 99 9.35 -16.29 -12.12
N ASP K 100 9.82 -16.94 -13.18
CA ASP K 100 9.65 -16.39 -14.52
C ASP K 100 8.27 -16.64 -15.10
N TYR K 101 7.62 -17.73 -14.70
CA TYR K 101 6.39 -18.16 -15.37
C TYR K 101 5.28 -18.63 -14.42
N LYS K 102 5.24 -18.11 -13.20
CA LYS K 102 4.09 -18.39 -12.33
C LYS K 102 2.84 -17.81 -12.98
N ASP K 103 1.75 -18.54 -12.92
CA ASP K 103 0.53 -18.11 -13.60
C ASP K 103 -0.26 -17.12 -12.74
N GLU K 104 -1.43 -16.74 -13.25
CA GLU K 104 -2.30 -15.76 -12.60
C GLU K 104 -2.74 -16.17 -11.20
N ASP K 105 -2.59 -17.46 -10.88
CA ASP K 105 -3.26 -18.04 -9.71
C ASP K 105 -2.32 -18.79 -8.77
N GLY K 106 -1.02 -18.72 -9.01
CA GLY K 106 -0.03 -19.36 -8.15
C GLY K 106 0.57 -20.61 -8.77
N PHE K 107 -0.23 -21.32 -9.58
CA PHE K 107 0.25 -22.47 -10.33
C PHE K 107 1.20 -22.04 -11.45
N VAL K 108 2.03 -22.98 -11.91
CA VAL K 108 2.71 -22.84 -13.18
C VAL K 108 2.15 -23.92 -14.09
N TYR K 109 1.81 -23.54 -15.32
CA TYR K 109 1.20 -24.47 -16.26
C TYR K 109 2.21 -25.01 -17.25
N MET K 110 2.11 -26.31 -17.50
CA MET K 110 2.95 -26.98 -18.47
C MET K 110 2.10 -27.90 -19.33
N THR K 111 2.54 -28.11 -20.56
CA THR K 111 1.79 -28.94 -21.50
C THR K 111 2.75 -29.79 -22.32
N TYR K 112 2.58 -31.10 -22.26
CA TYR K 112 3.50 -32.02 -22.92
C TYR K 112 2.94 -32.49 -24.26
N ALA K 113 3.84 -32.62 -25.24
CA ALA K 113 3.44 -33.03 -26.58
C ALA K 113 4.59 -33.69 -27.32
N SER K 114 4.26 -34.70 -28.13
CA SER K 114 5.25 -35.32 -28.99
C SER K 114 5.67 -34.38 -30.11
N GLN K 115 4.73 -33.52 -30.52
CA GLN K 115 4.95 -32.61 -31.64
C GLN K 115 3.96 -31.46 -31.60
N GLU K 116 4.37 -30.32 -32.13
CA GLU K 116 3.51 -29.13 -32.15
C GLU K 116 4.13 -28.04 -33.02
N THR K 117 3.27 -27.28 -33.67
CA THR K 117 3.69 -26.13 -34.47
C THR K 117 3.05 -24.86 -33.93
N PHE K 118 3.77 -23.75 -34.07
CA PHE K 118 3.30 -22.45 -33.60
C PHE K 118 3.26 -21.45 -34.75
N GLU L 4 -8.25 -34.24 -9.31
CA GLU L 4 -9.40 -33.45 -8.87
C GLU L 4 -9.13 -32.79 -7.52
N ASP L 5 -8.40 -33.50 -6.66
CA ASP L 5 -8.05 -32.98 -5.35
C ASP L 5 -6.91 -33.79 -4.72
N GLU L 6 -6.16 -34.52 -5.54
CA GLU L 6 -5.05 -35.33 -5.07
C GLU L 6 -3.79 -35.02 -5.87
N TRP L 7 -2.69 -34.79 -5.16
CA TRP L 7 -1.43 -34.34 -5.76
C TRP L 7 -0.43 -35.47 -5.92
N VAL L 8 0.56 -35.24 -6.79
CA VAL L 8 1.71 -36.13 -6.90
C VAL L 8 2.86 -35.49 -6.14
N ASN L 9 3.13 -35.99 -4.95
CA ASN L 9 4.23 -35.47 -4.13
C ASN L 9 5.57 -35.96 -4.64
N VAL L 10 6.28 -35.06 -5.32
CA VAL L 10 7.53 -35.42 -5.99
C VAL L 10 8.70 -35.48 -5.00
N GLN L 11 9.66 -36.38 -5.28
CA GLN L 11 10.85 -36.53 -4.45
C GLN L 11 12.09 -35.95 -5.12
N TYR L 12 13.02 -35.47 -4.31
CA TYR L 12 14.25 -34.84 -4.78
C TYR L 12 13.95 -33.62 -5.65
N ARG M 4 32.90 8.53 -13.13
CA ARG M 4 33.32 7.17 -12.68
C ARG M 4 32.28 6.08 -12.98
N PRO M 5 30.98 6.41 -12.93
CA PRO M 5 30.01 5.36 -13.27
C PRO M 5 30.20 4.87 -14.70
N PHE M 6 30.25 3.55 -14.87
CA PHE M 6 30.50 2.90 -16.16
C PHE M 6 29.66 3.50 -17.29
N LYS M 7 28.44 3.90 -16.98
CA LYS M 7 27.54 4.47 -17.97
C LYS M 7 27.89 5.92 -18.30
N GLN M 8 28.61 6.57 -17.40
CA GLN M 8 29.04 7.95 -17.63
C GLN M 8 30.34 7.97 -18.43
N ARG M 9 31.31 7.16 -18.03
CA ARG M 9 32.61 7.13 -18.71
C ARG M 9 32.50 6.57 -20.13
N LYS M 10 31.46 5.78 -20.38
CA LYS M 10 31.31 5.11 -21.68
C LYS M 10 29.93 5.31 -22.28
N SER M 11 29.89 5.44 -23.60
CA SER M 11 28.65 5.69 -24.33
C SER M 11 27.96 4.38 -24.71
N LEU M 12 26.64 4.46 -24.91
CA LEU M 12 25.82 3.28 -25.24
C LEU M 12 26.39 2.47 -26.39
N ALA M 13 26.78 3.17 -27.45
CA ALA M 13 27.36 2.55 -28.63
C ALA M 13 28.58 1.72 -28.25
N ILE M 14 29.51 2.35 -27.53
CA ILE M 14 30.70 1.65 -27.03
C ILE M 14 30.30 0.47 -26.17
N ARG M 15 29.42 0.72 -25.21
CA ARG M 15 29.00 -0.30 -24.25
C ARG M 15 28.40 -1.50 -24.97
N GLN M 16 27.70 -1.26 -26.07
CA GLN M 16 27.19 -2.35 -26.89
C GLN M 16 28.31 -3.04 -27.67
N GLU M 17 29.21 -2.23 -28.22
CA GLU M 17 30.36 -2.76 -28.97
C GLU M 17 31.16 -3.75 -28.12
N GLU M 18 31.48 -3.37 -26.88
CA GLU M 18 32.29 -4.22 -26.02
C GLU M 18 31.58 -5.56 -25.74
N VAL M 19 30.27 -5.51 -25.55
CA VAL M 19 29.47 -6.71 -25.35
C VAL M 19 29.56 -7.58 -26.60
N ALA M 20 29.29 -6.99 -27.76
CA ALA M 20 29.36 -7.75 -29.00
C ALA M 20 30.73 -8.38 -29.16
N GLY M 21 31.76 -7.61 -28.81
CA GLY M 21 33.13 -8.09 -28.92
C GLY M 21 33.40 -9.25 -27.97
N ILE M 22 32.93 -9.14 -26.73
CA ILE M 22 33.22 -10.16 -25.74
C ILE M 22 32.34 -11.40 -25.93
N ARG M 23 31.16 -11.23 -26.53
CA ARG M 23 30.31 -12.36 -26.85
C ARG M 23 30.87 -13.10 -28.06
N ALA M 24 31.62 -12.40 -28.89
CA ALA M 24 32.31 -13.01 -30.02
C ALA M 24 33.65 -13.59 -29.57
N LYS M 25 33.60 -14.33 -28.47
CA LYS M 25 34.81 -14.84 -27.83
C LYS M 25 34.42 -15.84 -26.73
N PHE M 26 33.40 -15.47 -25.95
CA PHE M 26 32.81 -16.37 -24.96
C PHE M 26 31.28 -16.23 -25.00
N PRO M 27 30.61 -16.95 -25.91
CA PRO M 27 29.15 -16.85 -25.95
C PRO M 27 28.51 -17.58 -24.78
N ASN M 28 29.32 -18.34 -24.05
CA ASN M 28 28.83 -19.14 -22.93
C ASN M 28 29.11 -18.48 -21.58
N LYS M 29 29.79 -17.34 -21.61
CA LYS M 29 30.00 -16.53 -20.41
C LYS M 29 29.02 -15.35 -20.38
N ILE M 30 29.00 -14.63 -19.26
CA ILE M 30 28.07 -13.51 -19.07
C ILE M 30 28.81 -12.26 -18.62
N PRO M 31 28.65 -11.14 -19.34
CA PRO M 31 29.30 -9.88 -18.96
C PRO M 31 28.55 -9.12 -17.87
N VAL M 32 29.24 -8.80 -16.78
CA VAL M 32 28.62 -8.11 -15.65
C VAL M 32 29.51 -6.95 -15.22
N VAL M 33 28.89 -5.80 -14.99
CA VAL M 33 29.56 -4.64 -14.40
C VAL M 33 29.27 -4.61 -12.91
N VAL M 34 30.33 -4.58 -12.10
CA VAL M 34 30.20 -4.49 -10.66
C VAL M 34 30.89 -3.22 -10.17
N GLU M 35 30.12 -2.35 -9.53
CA GLU M 35 30.65 -1.08 -9.03
C GLU M 35 30.10 -0.74 -7.65
N ARG M 36 30.86 0.04 -6.91
CA ARG M 36 30.47 0.44 -5.56
C ARG M 36 29.32 1.43 -5.56
N TYR M 37 28.38 1.23 -4.65
CA TYR M 37 27.26 2.16 -4.46
C TYR M 37 27.83 3.57 -4.28
N PRO M 38 27.46 4.51 -5.18
CA PRO M 38 28.04 5.85 -5.20
C PRO M 38 28.20 6.53 -3.84
N ARG M 39 27.20 6.40 -2.97
CA ARG M 39 27.24 7.07 -1.67
C ARG M 39 27.67 6.11 -0.55
N GLU M 40 28.34 5.02 -0.93
CA GLU M 40 28.92 4.12 0.06
C GLU M 40 30.10 4.79 0.75
N THR M 41 30.21 4.62 2.06
CA THR M 41 31.22 5.30 2.85
C THR M 41 31.98 4.37 3.79
N PHE M 42 31.72 3.07 3.71
CA PHE M 42 32.32 2.10 4.62
C PHE M 42 33.26 1.12 3.91
N LEU M 43 32.90 0.71 2.71
CA LEU M 43 33.69 -0.28 1.97
C LEU M 43 34.69 0.38 1.03
N PRO M 44 35.72 -0.37 0.63
CA PRO M 44 36.69 0.11 -0.35
C PRO M 44 36.16 0.00 -1.78
N PRO M 45 36.86 0.60 -2.75
CA PRO M 45 36.49 0.42 -4.15
C PRO M 45 36.89 -0.95 -4.67
N LEU M 46 36.61 -1.21 -5.95
CA LEU M 46 37.03 -2.45 -6.60
C LEU M 46 38.15 -2.19 -7.59
N ASP M 47 39.17 -3.05 -7.57
CA ASP M 47 40.26 -2.95 -8.52
C ASP M 47 39.76 -3.19 -9.94
N LYS M 48 38.78 -4.07 -10.09
CA LYS M 48 38.18 -4.38 -11.39
C LYS M 48 36.66 -4.34 -11.30
N THR M 49 36.02 -3.82 -12.34
CA THR M 49 34.56 -3.67 -12.36
C THR M 49 33.90 -4.58 -13.39
N LYS M 50 34.67 -4.96 -14.40
CA LYS M 50 34.18 -5.80 -15.48
C LYS M 50 34.38 -7.28 -15.18
N PHE M 51 33.33 -8.08 -15.31
CA PHE M 51 33.39 -9.51 -15.00
C PHE M 51 32.75 -10.40 -16.07
N LEU M 52 33.41 -11.51 -16.36
CA LEU M 52 32.90 -12.54 -17.26
C LEU M 52 32.57 -13.81 -16.50
N VAL M 53 31.28 -14.09 -16.32
CA VAL M 53 30.84 -15.14 -15.41
C VAL M 53 30.11 -16.26 -16.13
N PRO M 54 30.34 -17.52 -15.72
CA PRO M 54 29.56 -18.66 -16.20
C PRO M 54 28.06 -18.52 -15.94
N GLN M 55 27.29 -18.75 -17.00
CA GLN M 55 25.84 -18.90 -16.94
C GLN M 55 25.35 -19.69 -15.73
N GLU M 56 26.09 -20.73 -15.35
CA GLU M 56 25.63 -21.67 -14.34
C GLU M 56 25.86 -21.19 -12.91
N LEU M 57 26.88 -20.37 -12.70
CA LEU M 57 27.28 -19.99 -11.34
C LEU M 57 26.19 -19.19 -10.63
N THR M 58 26.13 -19.35 -9.31
CA THR M 58 25.10 -18.71 -8.50
C THR M 58 25.58 -17.35 -7.99
N MET M 59 24.66 -16.61 -7.38
CA MET M 59 24.97 -15.28 -6.85
C MET M 59 25.80 -15.36 -5.57
N THR M 60 25.64 -16.45 -4.83
CA THR M 60 26.44 -16.70 -3.63
C THR M 60 27.90 -16.83 -4.01
N GLN M 61 28.17 -17.75 -4.94
CA GLN M 61 29.52 -17.99 -5.42
C GLN M 61 30.11 -16.71 -5.99
N PHE M 62 29.31 -15.97 -6.76
CA PHE M 62 29.78 -14.74 -7.35
C PHE M 62 30.04 -13.68 -6.28
N LEU M 63 29.19 -13.65 -5.25
CA LEU M 63 29.41 -12.75 -4.13
C LEU M 63 30.76 -13.06 -3.50
N SER M 64 31.02 -14.35 -3.28
CA SER M 64 32.32 -14.76 -2.75
C SER M 64 33.45 -14.34 -3.68
N ILE M 65 33.24 -14.51 -4.98
CA ILE M 65 34.23 -14.13 -5.98
C ILE M 65 34.48 -12.61 -5.98
N ILE M 66 33.45 -11.82 -5.71
CA ILE M 66 33.63 -10.37 -5.58
C ILE M 66 34.40 -10.07 -4.30
N ARG M 67 33.96 -10.67 -3.20
CA ARG M 67 34.59 -10.44 -1.90
C ARG M 67 36.06 -10.86 -1.92
N SER M 68 36.37 -11.90 -2.68
CA SER M 68 37.74 -12.38 -2.79
C SER M 68 38.68 -11.33 -3.40
N ARG M 69 38.10 -10.36 -4.09
CA ARG M 69 38.89 -9.28 -4.70
C ARG M 69 39.08 -8.09 -3.75
N MET M 70 38.57 -8.24 -2.53
CA MET M 70 38.65 -7.20 -1.52
C MET M 70 39.48 -7.64 -0.32
N VAL M 71 40.11 -6.67 0.35
CA VAL M 71 40.71 -6.89 1.66
C VAL M 71 39.73 -6.38 2.71
N LEU M 72 39.11 -7.31 3.43
CA LEU M 72 38.08 -6.98 4.40
C LEU M 72 38.44 -7.48 5.79
N ARG M 73 37.74 -6.94 6.79
CA ARG M 73 37.79 -7.47 8.15
C ARG M 73 36.70 -8.51 8.28
N ALA M 74 36.94 -9.52 9.12
CA ALA M 74 36.08 -10.69 9.20
C ALA M 74 34.61 -10.34 9.44
N THR M 75 34.35 -9.17 10.00
CA THR M 75 32.97 -8.75 10.28
C THR M 75 32.34 -8.07 9.06
N GLU M 76 33.17 -7.41 8.26
CA GLU M 76 32.69 -6.64 7.12
C GLU M 76 31.95 -7.51 6.11
N ALA M 77 30.68 -7.19 5.90
CA ALA M 77 29.85 -7.86 4.90
C ALA M 77 29.29 -6.83 3.94
N PHE M 78 28.69 -7.28 2.85
CA PHE M 78 28.05 -6.36 1.92
C PHE M 78 26.93 -7.01 1.12
N TYR M 79 25.87 -6.24 0.90
CA TYR M 79 24.80 -6.61 0.00
C TYR M 79 25.24 -6.43 -1.46
N LEU M 80 24.68 -7.28 -2.32
CA LEU M 80 24.92 -7.21 -3.76
C LEU M 80 23.57 -7.09 -4.47
N LEU M 81 23.37 -5.98 -5.17
CA LEU M 81 22.05 -5.65 -5.73
C LEU M 81 22.09 -5.43 -7.23
N VAL M 82 21.19 -6.10 -7.94
CA VAL M 82 21.05 -5.90 -9.38
C VAL M 82 20.40 -4.56 -9.67
N ASN M 83 21.07 -3.74 -10.49
CA ASN M 83 20.60 -2.39 -10.82
C ASN M 83 20.43 -1.51 -9.58
N ASN M 84 21.05 -1.92 -8.46
CA ASN M 84 20.92 -1.21 -7.20
C ASN M 84 19.46 -1.04 -6.78
N LYS M 85 18.68 -2.09 -6.98
CA LYS M 85 17.27 -2.07 -6.60
C LYS M 85 16.74 -3.44 -6.22
N SER M 86 17.42 -4.49 -6.67
CA SER M 86 16.90 -5.84 -6.56
C SER M 86 17.77 -6.76 -5.71
N LEU M 87 17.19 -7.23 -4.61
CA LEU M 87 17.72 -8.39 -3.91
C LEU M 87 17.19 -9.63 -4.59
N VAL M 88 18.10 -10.41 -5.16
CA VAL M 88 17.71 -11.62 -5.88
C VAL M 88 18.09 -12.85 -5.08
N SER M 89 17.42 -13.97 -5.35
CA SER M 89 17.75 -15.23 -4.70
C SER M 89 19.22 -15.57 -4.95
N MET M 90 19.99 -15.67 -3.87
CA MET M 90 21.43 -15.94 -3.98
C MET M 90 21.70 -17.29 -4.62
N SER M 91 20.69 -18.15 -4.65
CA SER M 91 20.82 -19.47 -5.26
C SER M 91 20.60 -19.43 -6.77
N ALA M 92 20.17 -18.28 -7.28
CA ALA M 92 19.87 -18.13 -8.71
C ALA M 92 21.14 -18.04 -9.53
N THR M 93 21.10 -18.65 -10.72
CA THR M 93 22.26 -18.69 -11.59
C THR M 93 22.39 -17.40 -12.38
N MET M 94 23.58 -17.12 -12.89
CA MET M 94 23.84 -15.88 -13.63
C MET M 94 22.99 -15.80 -14.89
N ALA M 95 22.67 -16.93 -15.49
CA ALA M 95 21.82 -16.95 -16.68
C ALA M 95 20.45 -16.38 -16.36
N GLU M 96 19.91 -16.78 -15.21
CA GLU M 96 18.63 -16.29 -14.73
C GLU M 96 18.67 -14.78 -14.51
N ILE M 97 19.73 -14.32 -13.84
CA ILE M 97 19.96 -12.90 -13.61
C ILE M 97 19.96 -12.16 -14.95
N TYR M 98 20.85 -12.61 -15.83
CA TYR M 98 21.02 -12.01 -17.14
C TYR M 98 19.69 -11.91 -17.86
N ARG M 99 18.99 -13.03 -18.00
CA ARG M 99 17.74 -13.02 -18.75
C ARG M 99 16.68 -12.16 -18.06
N ASP M 100 16.68 -12.15 -16.72
CA ASP M 100 15.68 -11.38 -15.98
C ASP M 100 16.05 -9.92 -15.75
N TYR M 101 17.33 -9.57 -15.90
CA TYR M 101 17.79 -8.23 -15.52
C TYR M 101 18.82 -7.59 -16.47
N LYS M 102 18.96 -8.09 -17.70
CA LYS M 102 19.92 -7.49 -18.62
C LYS M 102 19.51 -6.07 -19.00
N ASP M 103 20.51 -5.22 -19.20
CA ASP M 103 20.29 -3.84 -19.66
C ASP M 103 20.23 -3.83 -21.17
N GLU M 104 19.71 -2.74 -21.75
CA GLU M 104 19.59 -2.62 -23.20
C GLU M 104 20.96 -2.67 -23.87
N ASP M 105 22.00 -2.24 -23.16
CA ASP M 105 23.34 -2.21 -23.74
C ASP M 105 23.97 -3.60 -23.76
N GLY M 106 23.32 -4.57 -23.12
CA GLY M 106 23.80 -5.94 -23.14
C GLY M 106 24.45 -6.36 -21.83
N PHE M 107 24.72 -5.38 -20.97
CA PHE M 107 25.29 -5.65 -19.65
C PHE M 107 24.20 -5.89 -18.62
N VAL M 108 24.57 -6.59 -17.55
CA VAL M 108 23.77 -6.62 -16.33
C VAL M 108 24.57 -5.84 -15.29
N TYR M 109 23.97 -4.78 -14.77
CA TYR M 109 24.63 -3.93 -13.79
C TYR M 109 24.30 -4.35 -12.36
N MET M 110 25.33 -4.35 -11.51
CA MET M 110 25.16 -4.68 -10.10
C MET M 110 25.95 -3.74 -9.22
N THR M 111 25.38 -3.43 -8.06
CA THR M 111 25.94 -2.49 -7.11
C THR M 111 26.13 -3.18 -5.76
N TYR M 112 27.30 -3.02 -5.17
CA TYR M 112 27.58 -3.61 -3.86
C TYR M 112 27.63 -2.55 -2.77
N ALA M 113 27.14 -2.90 -1.59
CA ALA M 113 27.09 -1.96 -0.47
C ALA M 113 27.08 -2.69 0.87
N SER M 114 27.68 -2.08 1.89
CA SER M 114 27.64 -2.62 3.24
C SER M 114 26.25 -2.47 3.84
N GLN M 115 25.55 -1.44 3.39
CA GLN M 115 24.20 -1.16 3.86
C GLN M 115 23.52 -0.19 2.89
N GLU M 116 22.20 -0.26 2.82
CA GLU M 116 21.46 0.67 1.99
C GLU M 116 20.01 0.80 2.45
N THR M 117 19.41 1.95 2.15
CA THR M 117 18.02 2.21 2.52
C THR M 117 17.29 2.83 1.34
N PHE M 118 16.30 2.12 0.84
CA PHE M 118 15.53 2.56 -0.33
C PHE M 118 14.29 3.34 0.09
N GLU N 4 37.77 -0.60 -13.81
CA GLU N 4 38.92 -0.92 -14.65
C GLU N 4 38.49 -1.15 -16.09
N ASP N 5 39.45 -1.42 -16.95
CA ASP N 5 39.20 -1.62 -18.38
C ASP N 5 39.41 -3.09 -18.77
N GLU N 6 40.19 -3.81 -17.96
CA GLU N 6 40.48 -5.22 -18.22
C GLU N 6 39.46 -6.12 -17.54
N TRP N 7 39.10 -7.20 -18.22
CA TRP N 7 38.05 -8.10 -17.77
C TRP N 7 38.52 -9.09 -16.71
N VAL N 8 37.64 -9.38 -15.76
CA VAL N 8 37.83 -10.51 -14.86
C VAL N 8 37.07 -11.70 -15.42
N ASN N 9 37.80 -12.66 -15.97
CA ASN N 9 37.20 -13.88 -16.50
C ASN N 9 37.22 -14.98 -15.44
N VAL N 10 36.08 -15.20 -14.79
CA VAL N 10 36.04 -16.05 -13.59
C VAL N 10 36.01 -17.53 -14.03
N GLN N 11 36.29 -18.43 -13.09
CA GLN N 11 36.43 -19.86 -13.39
C GLN N 11 35.66 -20.76 -12.43
N TYR N 12 34.72 -21.51 -12.98
CA TYR N 12 34.06 -22.63 -12.28
C TYR N 12 33.54 -22.25 -10.90
N ARG O 4 42.65 27.96 15.85
CA ARG O 4 43.31 26.71 16.32
C ARG O 4 42.39 25.48 16.25
N PRO O 5 41.06 25.67 16.36
CA PRO O 5 40.23 24.50 16.12
C PRO O 5 40.40 23.98 14.68
N PHE O 6 40.36 22.67 14.51
CA PHE O 6 40.61 22.03 13.22
C PHE O 6 39.77 22.65 12.11
N LYS O 7 38.51 22.95 12.42
CA LYS O 7 37.61 23.56 11.46
C LYS O 7 38.01 25.00 11.15
N GLN O 8 38.77 25.60 12.07
CA GLN O 8 39.23 26.98 11.90
C GLN O 8 40.62 27.02 11.27
N ARG O 9 41.45 26.03 11.60
CA ARG O 9 42.76 25.89 10.97
C ARG O 9 42.62 25.68 9.47
N LYS O 10 41.72 24.75 9.11
CA LYS O 10 41.60 24.28 7.73
C LYS O 10 40.21 24.49 7.15
N SER O 11 40.15 24.58 5.83
CA SER O 11 38.87 24.74 5.13
C SER O 11 38.24 23.38 4.86
N LEU O 12 36.95 23.39 4.60
CA LEU O 12 36.20 22.16 4.33
C LEU O 12 36.76 21.39 3.14
N ALA O 13 37.19 22.14 2.12
CA ALA O 13 37.76 21.53 0.92
C ALA O 13 38.99 20.70 1.25
N ILE O 14 39.93 21.30 1.96
CA ILE O 14 41.16 20.62 2.36
C ILE O 14 40.82 19.46 3.29
N ARG O 15 39.92 19.72 4.23
CA ARG O 15 39.51 18.69 5.19
C ARG O 15 38.92 17.50 4.44
N GLN O 16 38.21 17.75 3.36
CA GLN O 16 37.68 16.67 2.53
C GLN O 16 38.79 15.98 1.73
N GLU O 17 39.68 16.78 1.15
CA GLU O 17 40.81 16.26 0.39
C GLU O 17 41.63 15.27 1.21
N GLU O 18 41.97 15.66 2.44
CA GLU O 18 42.83 14.82 3.29
C GLU O 18 42.17 13.48 3.60
N VAL O 19 40.86 13.50 3.85
CA VAL O 19 40.11 12.27 4.12
C VAL O 19 40.10 11.42 2.87
N ALA O 20 39.78 12.03 1.72
CA ALA O 20 39.79 11.31 0.46
C ALA O 20 41.17 10.72 0.19
N GLY O 21 42.20 11.46 0.60
CA GLY O 21 43.58 11.03 0.42
C GLY O 21 43.97 9.92 1.38
N ILE O 22 43.47 9.97 2.62
CA ILE O 22 43.84 8.98 3.62
C ILE O 22 43.05 7.69 3.44
N ARG O 23 41.82 7.79 2.93
CA ARG O 23 41.01 6.61 2.66
C ARG O 23 41.62 5.81 1.50
N ALA O 24 42.49 6.45 0.73
CA ALA O 24 43.14 5.78 -0.39
C ALA O 24 44.15 4.76 0.09
N LYS O 25 44.81 5.06 1.21
CA LYS O 25 45.86 4.20 1.75
C LYS O 25 45.30 3.24 2.78
N PHE O 26 44.27 3.68 3.50
CA PHE O 26 43.66 2.89 4.55
C PHE O 26 42.13 2.95 4.42
N PRO O 27 41.59 2.23 3.44
CA PRO O 27 40.16 2.33 3.13
C PRO O 27 39.26 1.70 4.18
N ASN O 28 39.86 0.92 5.09
CA ASN O 28 39.12 0.29 6.18
C ASN O 28 39.60 0.77 7.53
N LYS O 29 40.05 2.02 7.58
CA LYS O 29 40.40 2.68 8.84
C LYS O 29 39.40 3.81 9.09
N ILE O 30 39.46 4.38 10.30
CA ILE O 30 38.53 5.41 10.71
C ILE O 30 39.31 6.68 11.05
N PRO O 31 39.17 7.72 10.21
CA PRO O 31 39.83 8.99 10.52
C PRO O 31 39.08 9.79 11.58
N VAL O 32 39.77 10.10 12.68
CA VAL O 32 39.18 10.82 13.80
C VAL O 32 40.04 12.02 14.17
N VAL O 33 39.37 13.15 14.45
CA VAL O 33 40.04 14.34 14.97
C VAL O 33 39.72 14.49 16.45
N VAL O 34 40.78 14.41 17.28
CA VAL O 34 40.64 14.59 18.72
C VAL O 34 41.24 15.93 19.11
N GLU O 35 40.45 16.76 19.78
CA GLU O 35 40.89 18.09 20.19
C GLU O 35 40.45 18.40 21.61
N ARG O 36 41.30 19.13 22.33
CA ARG O 36 40.99 19.54 23.68
C ARG O 36 39.80 20.49 23.68
N TYR O 37 38.89 20.29 24.64
CA TYR O 37 37.76 21.17 24.84
C TYR O 37 38.29 22.61 25.00
N PRO O 38 37.93 23.52 24.07
CA PRO O 38 38.47 24.88 24.00
C PRO O 38 38.68 25.58 25.33
N ARG O 39 37.64 25.60 26.16
CA ARG O 39 37.69 26.32 27.43
C ARG O 39 37.98 25.37 28.59
N GLU O 40 38.65 24.27 28.28
CA GLU O 40 39.21 23.40 29.32
C GLU O 40 40.28 24.18 30.08
N THR O 41 40.47 23.86 31.36
CA THR O 41 41.41 24.59 32.20
C THR O 41 42.09 23.65 33.20
N PHE O 42 42.23 22.39 32.81
CA PHE O 42 42.72 21.36 33.73
C PHE O 42 43.71 20.40 33.07
N LEU O 43 43.51 20.14 31.77
CA LEU O 43 44.30 19.14 31.05
C LEU O 43 45.22 19.79 30.03
N PRO O 44 46.28 19.07 29.62
CA PRO O 44 47.20 19.57 28.59
C PRO O 44 46.63 19.46 27.19
N PRO O 45 47.21 20.19 26.22
CA PRO O 45 46.80 20.07 24.82
C PRO O 45 47.41 18.83 24.18
N LEU O 46 46.87 18.39 23.06
CA LEU O 46 47.36 17.18 22.41
C LEU O 46 48.49 17.48 21.42
N ASP O 47 49.53 16.66 21.47
CA ASP O 47 50.64 16.75 20.54
C ASP O 47 50.17 16.43 19.12
N LYS O 48 49.18 15.55 19.01
CA LYS O 48 48.58 15.19 17.73
C LYS O 48 47.07 15.14 17.85
N THR O 49 46.36 15.60 16.82
CA THR O 49 44.91 15.65 16.85
C THR O 49 44.26 14.69 15.85
N LYS O 50 45.00 14.32 14.81
CA LYS O 50 44.50 13.44 13.76
C LYS O 50 44.89 11.98 14.00
N PHE O 51 43.90 11.10 13.96
CA PHE O 51 44.10 9.68 14.26
C PHE O 51 43.44 8.78 13.21
N LEU O 52 44.05 7.62 12.98
CA LEU O 52 43.49 6.57 12.13
C LEU O 52 43.22 5.33 12.95
N VAL O 53 41.95 4.95 13.09
CA VAL O 53 41.58 3.89 14.01
C VAL O 53 40.86 2.73 13.32
N PRO O 54 41.20 1.48 13.67
CA PRO O 54 40.43 0.33 13.18
C PRO O 54 38.92 0.46 13.41
N GLN O 55 38.15 -0.15 12.53
CA GLN O 55 36.70 -0.07 12.57
C GLN O 55 36.14 -0.81 13.78
N GLU O 56 36.95 -1.69 14.36
CA GLU O 56 36.48 -2.61 15.40
C GLU O 56 36.93 -2.20 16.80
N LEU O 57 37.81 -1.20 16.89
CA LEU O 57 38.31 -0.77 18.19
C LEU O 57 37.23 -0.05 18.99
N THR O 58 37.20 -0.29 20.29
CA THR O 58 36.18 0.28 21.16
C THR O 58 36.61 1.66 21.65
N MET O 59 35.66 2.45 22.11
CA MET O 59 35.94 3.79 22.64
C MET O 59 36.81 3.72 23.89
N THR O 60 36.74 2.58 24.60
CA THR O 60 37.55 2.37 25.78
C THR O 60 39.03 2.33 25.42
N GLN O 61 39.37 1.40 24.55
CA GLN O 61 40.74 1.24 24.10
C GLN O 61 41.22 2.56 23.48
N PHE O 62 40.34 3.19 22.73
CA PHE O 62 40.66 4.47 22.09
C PHE O 62 40.94 5.53 23.16
N LEU O 63 40.12 5.54 24.21
CA LEU O 63 40.33 6.45 25.31
C LEU O 63 41.72 6.21 25.90
N SER O 64 42.03 4.94 26.10
CA SER O 64 43.37 4.57 26.60
C SER O 64 44.44 5.09 25.65
N ILE O 65 44.21 4.93 24.35
CA ILE O 65 45.17 5.37 23.34
C ILE O 65 45.36 6.88 23.39
N ILE O 66 44.28 7.63 23.59
CA ILE O 66 44.38 9.08 23.72
C ILE O 66 45.18 9.41 24.98
N ARG O 67 44.77 8.83 26.09
CA ARG O 67 45.42 9.09 27.38
C ARG O 67 46.89 8.73 27.32
N SER O 68 47.23 7.70 26.54
CA SER O 68 48.62 7.27 26.41
C SER O 68 49.52 8.31 25.76
N ARG O 69 48.91 9.34 25.17
CA ARG O 69 49.68 10.40 24.52
C ARG O 69 49.91 11.60 25.43
N MET O 70 49.43 11.50 26.67
CA MET O 70 49.58 12.56 27.66
C MET O 70 50.45 12.09 28.83
N VAL O 71 50.95 13.06 29.60
CA VAL O 71 51.59 12.79 30.88
C VAL O 71 50.68 13.32 31.98
N LEU O 72 49.96 12.42 32.64
CA LEU O 72 48.93 12.79 33.60
C LEU O 72 49.16 12.22 34.99
N ARG O 73 48.72 12.96 36.01
CA ARG O 73 48.59 12.40 37.34
C ARG O 73 47.57 11.28 37.27
N ALA O 74 47.88 10.17 37.93
CA ALA O 74 47.05 8.96 37.84
C ALA O 74 45.61 9.25 38.24
N THR O 75 45.41 10.29 39.04
CA THR O 75 44.07 10.68 39.47
C THR O 75 43.39 11.54 38.41
N GLU O 76 44.16 12.08 37.48
CA GLU O 76 43.64 12.95 36.45
C GLU O 76 43.09 12.15 35.27
N ALA O 77 41.79 12.26 35.04
CA ALA O 77 41.14 11.57 33.93
C ALA O 77 40.30 12.54 33.11
N PHE O 78 39.69 12.05 32.03
CA PHE O 78 38.84 12.90 31.20
C PHE O 78 37.74 12.13 30.50
N TYR O 79 36.70 12.86 30.11
CA TYR O 79 35.63 12.34 29.28
C TYR O 79 35.96 12.57 27.82
N LEU O 80 35.37 11.75 26.97
CA LEU O 80 35.59 11.79 25.53
C LEU O 80 34.23 11.89 24.81
N LEU O 81 33.92 13.08 24.31
CA LEU O 81 32.61 13.36 23.72
C LEU O 81 32.65 13.58 22.22
N VAL O 82 31.77 12.89 21.51
CA VAL O 82 31.67 13.05 20.06
C VAL O 82 30.96 14.36 19.76
N ASN O 83 31.60 15.22 18.95
CA ASN O 83 31.07 16.54 18.61
C ASN O 83 30.86 17.44 19.82
N ASN O 84 31.44 17.06 20.95
CA ASN O 84 31.32 17.82 22.20
C ASN O 84 29.88 17.97 22.67
N LYS O 85 29.02 17.02 22.27
CA LYS O 85 27.60 17.06 22.64
C LYS O 85 27.10 15.67 23.00
N SER O 86 27.75 14.65 22.45
CA SER O 86 27.28 13.28 22.57
C SER O 86 28.16 12.43 23.46
N LEU O 87 27.54 11.77 24.42
CA LEU O 87 28.17 10.72 25.21
C LEU O 87 27.74 9.38 24.64
N VAL O 88 28.71 8.55 24.28
CA VAL O 88 28.43 7.27 23.64
C VAL O 88 28.84 6.10 24.52
N SER O 89 28.20 4.95 24.30
CA SER O 89 28.60 3.72 24.97
C SER O 89 30.07 3.42 24.67
N MET O 90 30.87 3.28 25.71
CA MET O 90 32.29 2.99 25.53
C MET O 90 32.51 1.61 24.94
N SER O 91 31.46 0.79 24.92
CA SER O 91 31.51 -0.54 24.32
C SER O 91 31.33 -0.48 22.80
N ALA O 92 31.10 0.71 22.28
CA ALA O 92 30.84 0.90 20.86
C ALA O 92 32.14 0.91 20.05
N THR O 93 32.09 0.29 18.88
CA THR O 93 33.22 0.26 17.97
C THR O 93 33.30 1.56 17.17
N MET O 94 34.43 1.81 16.52
CA MET O 94 34.60 3.03 15.74
C MET O 94 33.69 3.06 14.53
N ALA O 95 33.37 1.89 13.98
CA ALA O 95 32.47 1.81 12.85
C ALA O 95 31.11 2.40 13.20
N GLU O 96 30.57 1.99 14.35
CA GLU O 96 29.30 2.51 14.84
C GLU O 96 29.31 4.03 14.99
N ILE O 97 30.35 4.54 15.66
CA ILE O 97 30.54 5.98 15.83
C ILE O 97 30.59 6.68 14.49
N TYR O 98 31.41 6.13 13.59
CA TYR O 98 31.59 6.70 12.26
C TYR O 98 30.24 6.78 11.55
N ARG O 99 29.55 5.65 11.47
CA ARG O 99 28.25 5.60 10.80
C ARG O 99 27.27 6.58 11.43
N ASP O 100 27.23 6.61 12.75
CA ASP O 100 26.23 7.39 13.46
C ASP O 100 26.62 8.84 13.70
N TYR O 101 27.91 9.16 13.55
CA TYR O 101 28.39 10.51 13.89
C TYR O 101 29.43 11.07 12.92
N LYS O 102 29.46 10.62 11.67
CA LYS O 102 30.40 11.20 10.71
C LYS O 102 30.06 12.66 10.47
N ASP O 103 31.08 13.46 10.19
CA ASP O 103 30.87 14.85 9.83
C ASP O 103 30.69 14.92 8.32
N GLU O 104 30.08 16.01 7.86
CA GLU O 104 29.93 16.26 6.43
C GLU O 104 31.26 16.18 5.70
N ASP O 105 32.33 16.64 6.36
CA ASP O 105 33.64 16.74 5.72
C ASP O 105 34.35 15.39 5.60
N GLY O 106 33.76 14.36 6.20
CA GLY O 106 34.31 13.02 6.13
C GLY O 106 34.95 12.55 7.44
N PHE O 107 35.32 13.50 8.28
CA PHE O 107 35.90 13.19 9.59
C PHE O 107 34.82 12.87 10.61
N VAL O 108 35.24 12.32 11.74
CA VAL O 108 34.41 12.29 12.93
C VAL O 108 35.20 13.03 14.02
N TYR O 109 34.55 13.99 14.66
CA TYR O 109 35.21 14.87 15.63
C TYR O 109 34.88 14.45 17.05
N MET O 110 35.92 14.34 17.86
CA MET O 110 35.78 14.09 19.29
C MET O 110 36.43 15.20 20.10
N THR O 111 35.96 15.35 21.33
CA THR O 111 36.49 16.34 22.27
C THR O 111 36.82 15.59 23.54
N TYR O 112 37.85 16.04 24.25
CA TYR O 112 38.18 15.43 25.53
C TYR O 112 38.26 16.49 26.62
N ALA O 113 37.70 16.17 27.80
CA ALA O 113 37.65 17.14 28.90
C ALA O 113 37.48 16.49 30.27
N SER O 114 38.26 16.95 31.23
CA SER O 114 38.19 16.45 32.60
C SER O 114 36.82 16.67 33.22
N GLN O 115 36.11 17.69 32.74
CA GLN O 115 34.79 18.01 33.23
C GLN O 115 34.09 18.97 32.28
N GLU O 116 32.76 18.96 32.30
CA GLU O 116 31.98 19.85 31.44
C GLU O 116 30.52 19.86 31.83
N THR O 117 29.88 21.01 31.63
CA THR O 117 28.45 21.16 31.85
C THR O 117 27.78 21.64 30.57
N PHE O 118 26.63 21.04 30.24
CA PHE O 118 25.89 21.39 29.04
C PHE O 118 24.63 22.18 29.39
N GLU P 4 48.41 16.39 14.61
CA GLU P 4 48.27 17.82 14.36
C GLU P 4 48.05 18.05 12.87
N ASP P 5 49.13 18.09 12.10
CA ASP P 5 49.07 18.02 10.65
C ASP P 5 49.45 16.61 10.22
N GLU P 6 50.07 15.87 11.14
CA GLU P 6 50.49 14.49 10.90
C GLU P 6 49.51 13.53 11.56
N TRP P 7 49.54 12.27 11.10
CA TRP P 7 48.58 11.25 11.52
C TRP P 7 49.13 10.28 12.54
N VAL P 8 48.22 9.72 13.34
CA VAL P 8 48.55 8.61 14.23
C VAL P 8 47.81 7.37 13.76
N ASN P 9 48.55 6.43 13.18
CA ASN P 9 48.00 5.15 12.76
C ASN P 9 48.05 4.15 13.90
N VAL P 10 46.90 3.89 14.51
CA VAL P 10 46.84 3.08 15.73
C VAL P 10 46.71 1.59 15.38
N GLN P 11 47.08 0.74 16.34
CA GLN P 11 47.14 -0.70 16.11
C GLN P 11 46.57 -1.53 17.26
N TYR P 12 45.42 -2.15 17.02
CA TYR P 12 44.90 -3.24 17.87
C TYR P 12 43.54 -3.71 17.33
#